data_5G4I
#
_entry.id   5G4I
#
_cell.length_a   76.937
_cell.length_b   97.176
_cell.length_c   124.261
_cell.angle_alpha   90.00
_cell.angle_beta   90.00
_cell.angle_gamma   90.00
#
_symmetry.space_group_name_H-M   'P 21 21 21'
#
loop_
_entity.id
_entity.type
_entity.pdbx_description
1 polymer PHOSPHOLYASE
2 non-polymer "PYRIDOXAL-5'-PHOSPHATE"
3 non-polymer 'PHOSPHATE ION'
4 non-polymer 'ACETATE ION'
5 non-polymer 2-[3-(2-HYDROXY-1,1-DIHYDROXYMETHYL-ETHYLAMINO)-PROPYLAMINO]-2-HYDROXYMETHYL-PROPANE-1,3-DIOL
6 water water
#
_entity_poly.entity_id   1
_entity_poly.type   'polypeptide(L)'
_entity_poly.pdbx_seq_one_letter_code
;MTSETTTTPSRVPQTANDLLARRYATIGPHSPLFYRQPLELVSGSGVWLTDAQGKVYLDGYNNVPHVGHANPAVADAIYQ
QLLTVNLHTRYLNSRVVEYAEALLSKFDGALERLFLTNSGSEANELALRIARQHTGNTGVLVSDFSYHGNTTSLAEITTG
LTVHEPLGAHVRALRIPDVSGIAEVDVPVLLEQSLADVDAAIASLQAAGHGVSVFLFDPLFSTEGLLQLPSGYIEGVATR
VRAAGGLVISDEVQSGFGRTGSGMWGYQMFNVEPELVTMGKPMGNGHPIGAVVTTAELLDEFGRHNMFFNTFAGNPVSSA
AGLAVLRYMDQEDLMAKADQLGKYIRKRLENIAQRSGNVGSVRGRGLFFGIDIIESDGSRNPAPALTKILIEDMRERGVL
ISRVGPHDNVLKMRPPLVFGREHADILLGQLELSLASLPQPGNLVL
;
_entity_poly.pdbx_strand_id   A,B
#
# COMPACT_ATOMS: atom_id res chain seq x y z
N ASP A 18 -9.91 -12.03 27.08
CA ASP A 18 -8.65 -11.36 27.04
C ASP A 18 -8.37 -10.75 25.67
N LEU A 19 -9.00 -11.20 24.57
CA LEU A 19 -8.59 -10.69 23.19
C LEU A 19 -8.71 -9.18 23.06
N LEU A 20 -9.84 -8.57 23.49
CA LEU A 20 -10.03 -7.14 23.33
C LEU A 20 -8.93 -6.31 24.05
N ALA A 21 -8.64 -6.71 25.32
CA ALA A 21 -7.57 -6.03 26.04
C ALA A 21 -6.17 -6.21 25.39
N ARG A 22 -5.91 -7.42 24.89
CA ARG A 22 -4.63 -7.73 24.20
C ARG A 22 -4.49 -6.85 22.91
N ARG A 23 -5.60 -6.66 22.22
CA ARG A 23 -5.65 -5.71 21.09
C ARG A 23 -5.34 -4.30 21.45
N TYR A 24 -5.99 -3.80 22.50
CA TYR A 24 -5.81 -2.41 22.88
C TYR A 24 -4.37 -2.11 23.35
N ALA A 25 -3.67 -3.14 23.89
CA ALA A 25 -2.31 -3.02 24.34
C ALA A 25 -1.25 -3.06 23.22
N THR A 26 -1.69 -3.32 21.96
CA THR A 26 -0.73 -3.52 20.85
C THR A 26 -1.05 -2.59 19.65
N ILE A 27 -2.21 -2.76 19.06
CA ILE A 27 -2.63 -1.86 17.96
C ILE A 27 -3.52 -0.70 18.43
N GLY A 28 -3.84 -0.66 19.74
CA GLY A 28 -4.49 0.51 20.39
C GLY A 28 -5.98 0.47 20.39
N PRO A 29 -6.61 1.36 21.15
CA PRO A 29 -8.04 1.40 21.33
C PRO A 29 -8.78 2.32 20.31
N HIS A 30 -8.11 3.00 19.42
CA HIS A 30 -8.76 3.86 18.45
C HIS A 30 -9.10 3.16 17.11
N SER A 31 -8.27 2.17 16.69
CA SER A 31 -8.52 1.44 15.42
C SER A 31 -9.96 0.87 15.46
N PRO A 32 -10.80 1.20 14.49
CA PRO A 32 -12.25 1.01 14.72
C PRO A 32 -12.74 -0.46 14.85
N LEU A 33 -13.80 -0.65 15.64
CA LEU A 33 -14.53 -1.90 15.76
C LEU A 33 -16.01 -1.68 15.60
N PHE A 34 -16.72 -2.56 14.86
CA PHE A 34 -18.17 -2.49 14.78
C PHE A 34 -18.89 -2.97 16.03
N TYR A 35 -20.07 -2.38 16.25
CA TYR A 35 -21.10 -2.81 17.28
C TYR A 35 -20.77 -2.39 18.73
N ARG A 36 -21.83 -2.34 19.54
CA ARG A 36 -21.60 -2.00 20.96
C ARG A 36 -20.69 -2.99 21.65
N GLN A 37 -20.86 -4.29 21.39
CA GLN A 37 -20.01 -5.37 21.84
C GLN A 37 -19.23 -5.89 20.58
N PRO A 38 -17.93 -5.57 20.48
CA PRO A 38 -17.22 -6.06 19.28
C PRO A 38 -17.41 -7.55 19.07
N LEU A 39 -17.50 -8.00 17.82
CA LEU A 39 -17.73 -9.37 17.45
C LEU A 39 -16.40 -10.04 17.02
N GLU A 40 -16.11 -11.25 17.53
CA GLU A 40 -14.95 -12.03 17.17
C GLU A 40 -15.38 -13.06 16.14
N LEU A 41 -14.97 -12.86 14.85
CA LEU A 41 -15.36 -13.78 13.77
C LEU A 41 -14.24 -14.71 13.46
N VAL A 42 -14.48 -16.01 13.63
CA VAL A 42 -13.40 -17.02 13.58
C VAL A 42 -13.32 -17.84 12.30
N SER A 43 -14.40 -17.96 11.54
CA SER A 43 -14.43 -18.75 10.29
C SER A 43 -15.58 -18.27 9.47
N GLY A 44 -15.49 -18.54 8.15
CA GLY A 44 -16.56 -18.23 7.20
C GLY A 44 -16.61 -19.23 6.04
N SER A 45 -17.75 -19.29 5.35
CA SER A 45 -17.88 -20.10 4.12
C SER A 45 -18.92 -19.44 3.23
N GLY A 46 -18.50 -18.94 2.05
CA GLY A 46 -19.43 -18.28 1.14
C GLY A 46 -19.97 -17.01 1.72
N VAL A 47 -21.32 -16.94 2.01
CA VAL A 47 -21.97 -15.78 2.62
C VAL A 47 -22.13 -15.93 4.15
N TRP A 48 -21.63 -17.04 4.70
CA TRP A 48 -21.90 -17.34 6.13
C TRP A 48 -20.67 -17.14 7.02
N LEU A 49 -20.84 -16.55 8.19
CA LEU A 49 -19.77 -16.29 9.18
C LEU A 49 -20.12 -16.83 10.55
N THR A 50 -19.12 -17.31 11.28
CA THR A 50 -19.31 -17.90 12.61
C THR A 50 -18.44 -17.18 13.64
N ASP A 51 -19.06 -16.76 14.74
CA ASP A 51 -18.39 -16.09 15.89
C ASP A 51 -17.77 -17.10 16.88
N ALA A 52 -17.00 -16.54 17.83
CA ALA A 52 -16.23 -17.38 18.77
C ALA A 52 -17.19 -18.18 19.70
N GLN A 53 -18.42 -17.74 19.84
CA GLN A 53 -19.46 -18.50 20.61
C GLN A 53 -20.25 -19.49 19.78
N GLY A 54 -19.98 -19.60 18.47
CA GLY A 54 -20.64 -20.50 17.58
C GLY A 54 -21.91 -19.98 16.89
N LYS A 55 -22.27 -18.71 17.09
CA LYS A 55 -23.45 -18.11 16.39
C LYS A 55 -23.10 -17.89 14.92
N VAL A 56 -24.03 -18.19 14.05
CA VAL A 56 -23.89 -18.06 12.58
C VAL A 56 -24.62 -16.81 12.07
N TYR A 57 -23.96 -16.08 11.14
CA TYR A 57 -24.54 -14.89 10.59
C TYR A 57 -24.50 -14.92 9.01
N LEU A 58 -25.53 -14.31 8.45
CA LEU A 58 -25.59 -13.99 7.01
C LEU A 58 -24.85 -12.66 6.80
N ASP A 59 -23.81 -12.67 5.89
CA ASP A 59 -23.04 -11.47 5.56
C ASP A 59 -23.76 -10.58 4.56
N GLY A 60 -24.40 -9.50 5.02
CA GLY A 60 -24.95 -8.44 4.15
C GLY A 60 -24.15 -7.17 3.97
N TYR A 61 -22.83 -7.31 4.25
CA TYR A 61 -21.96 -6.12 4.35
C TYR A 61 -20.62 -6.16 3.60
N ASN A 62 -19.90 -7.27 3.66
CA ASN A 62 -18.47 -7.27 3.24
C ASN A 62 -18.28 -7.42 1.74
N ASN A 63 -17.61 -6.41 1.13
CA ASN A 63 -17.25 -6.46 -0.26
C ASN A 63 -15.82 -6.95 -0.58
N VAL A 64 -14.92 -7.03 0.40
CA VAL A 64 -13.61 -7.54 0.18
C VAL A 64 -13.62 -9.03 -0.26
N PRO A 65 -14.40 -9.95 0.41
CA PRO A 65 -14.53 -11.32 -0.04
C PRO A 65 -15.55 -11.43 -1.18
N HIS A 66 -15.18 -10.74 -2.31
CA HIS A 66 -15.99 -10.64 -3.53
C HIS A 66 -16.58 -11.98 -4.00
N VAL A 67 -15.79 -13.07 -3.96
CA VAL A 67 -16.24 -14.39 -4.39
C VAL A 67 -16.53 -15.38 -3.25
N GLY A 68 -16.70 -14.81 -2.08
CA GLY A 68 -17.13 -15.55 -0.90
C GLY A 68 -16.01 -15.89 0.09
N HIS A 69 -16.35 -15.96 1.37
CA HIS A 69 -15.39 -16.38 2.39
C HIS A 69 -14.81 -17.79 2.14
N ALA A 70 -13.47 -17.90 2.31
CA ALA A 70 -12.80 -19.20 2.15
C ALA A 70 -12.90 -19.87 0.78
N ASN A 71 -13.09 -19.02 -0.27
CA ASN A 71 -13.24 -19.54 -1.59
C ASN A 71 -12.04 -20.44 -1.93
N PRO A 72 -12.31 -21.72 -2.28
CA PRO A 72 -11.18 -22.63 -2.45
C PRO A 72 -10.39 -22.51 -3.71
N ALA A 73 -11.00 -22.03 -4.79
CA ALA A 73 -10.22 -21.76 -6.00
C ALA A 73 -9.21 -20.65 -5.79
N VAL A 74 -9.58 -19.60 -5.06
CA VAL A 74 -8.59 -18.56 -4.76
C VAL A 74 -7.46 -19.05 -3.84
N ALA A 75 -7.83 -19.82 -2.82
CA ALA A 75 -6.84 -20.34 -1.90
C ALA A 75 -5.83 -21.28 -2.62
N ASP A 76 -6.35 -22.16 -3.49
CA ASP A 76 -5.50 -23.10 -4.24
C ASP A 76 -4.56 -22.35 -5.17
N ALA A 77 -5.06 -21.30 -5.88
CA ALA A 77 -4.22 -20.57 -6.81
C ALA A 77 -3.05 -19.88 -6.08
N ILE A 78 -3.33 -19.24 -4.96
CA ILE A 78 -2.30 -18.60 -4.16
C ILE A 78 -1.22 -19.59 -3.64
N TYR A 79 -1.70 -20.69 -3.05
CA TYR A 79 -0.80 -21.71 -2.49
C TYR A 79 0.09 -22.35 -3.57
N GLN A 80 -0.49 -22.74 -4.73
CA GLN A 80 0.32 -23.33 -5.82
C GLN A 80 1.42 -22.37 -6.27
N GLN A 81 1.12 -21.06 -6.39
CA GLN A 81 2.18 -20.11 -6.73
C GLN A 81 3.20 -19.94 -5.63
N LEU A 82 2.77 -19.99 -4.36
CA LEU A 82 3.71 -19.91 -3.27
C LEU A 82 4.73 -21.10 -3.19
N LEU A 83 4.33 -22.23 -3.79
CA LEU A 83 5.28 -23.43 -3.94
C LEU A 83 6.15 -23.29 -5.12
N THR A 84 6.01 -22.25 -5.93
CA THR A 84 6.72 -22.07 -7.21
C THR A 84 7.74 -20.96 -7.14
N VAL A 85 7.31 -19.68 -7.17
CA VAL A 85 8.24 -18.52 -7.01
C VAL A 85 7.42 -17.23 -6.74
N ASN A 86 8.04 -16.25 -6.13
CA ASN A 86 7.28 -15.02 -5.72
C ASN A 86 8.09 -13.75 -5.78
N LEU A 87 8.69 -13.45 -6.94
CA LEU A 87 9.64 -12.31 -7.01
C LEU A 87 9.02 -11.07 -7.72
N HIS A 88 9.58 -9.94 -7.38
CA HIS A 88 9.24 -8.63 -7.97
C HIS A 88 9.43 -8.62 -9.52
N THR A 89 8.92 -7.56 -10.10
CA THR A 89 8.82 -7.47 -11.58
C THR A 89 10.09 -7.05 -12.30
N ARG A 90 11.22 -6.90 -11.59
CA ARG A 90 12.53 -6.67 -12.31
C ARG A 90 13.09 -7.96 -12.93
N TYR A 91 12.50 -9.10 -12.64
CA TYR A 91 12.68 -10.29 -13.48
C TYR A 91 11.38 -10.60 -14.26
N LEU A 92 11.46 -11.06 -15.50
CA LEU A 92 10.27 -11.44 -16.24
C LEU A 92 9.59 -12.64 -15.61
N ASN A 93 8.27 -12.68 -15.65
CA ASN A 93 7.46 -13.81 -15.13
C ASN A 93 6.08 -13.69 -15.81
N SER A 94 5.49 -14.82 -16.21
CA SER A 94 4.27 -14.79 -16.99
C SER A 94 3.01 -14.39 -16.20
N ARG A 95 2.94 -14.66 -14.90
CA ARG A 95 1.66 -14.48 -14.17
C ARG A 95 1.16 -13.03 -14.17
N VAL A 96 2.07 -12.06 -13.95
CA VAL A 96 1.63 -10.66 -13.97
C VAL A 96 1.10 -10.22 -15.35
N VAL A 97 1.74 -10.77 -16.40
CA VAL A 97 1.27 -10.43 -17.76
C VAL A 97 -0.10 -11.02 -18.04
N GLU A 98 -0.29 -12.29 -17.67
CA GLU A 98 -1.56 -12.96 -17.81
C GLU A 98 -2.68 -12.18 -17.06
N TYR A 99 -2.37 -11.77 -15.82
CA TYR A 99 -3.37 -10.99 -15.06
C TYR A 99 -3.64 -9.61 -15.70
N ALA A 100 -2.60 -8.88 -16.12
CA ALA A 100 -2.78 -7.60 -16.76
C ALA A 100 -3.66 -7.74 -18.03
N GLU A 101 -3.39 -8.75 -18.86
CA GLU A 101 -4.22 -9.02 -20.02
C GLU A 101 -5.71 -9.30 -19.64
N ALA A 102 -5.94 -10.08 -18.61
CA ALA A 102 -7.29 -10.42 -18.19
C ALA A 102 -8.03 -9.17 -17.64
N LEU A 103 -7.34 -8.36 -16.81
CA LEU A 103 -7.99 -7.18 -16.27
C LEU A 103 -8.26 -6.12 -17.37
N LEU A 104 -7.27 -5.93 -18.25
CA LEU A 104 -7.45 -4.90 -19.30
C LEU A 104 -8.51 -5.32 -20.32
N SER A 105 -8.79 -6.61 -20.46
CA SER A 105 -9.87 -7.09 -21.38
C SER A 105 -11.25 -6.64 -20.88
N LYS A 106 -11.36 -6.23 -19.59
CA LYS A 106 -12.59 -5.70 -18.97
C LYS A 106 -12.82 -4.21 -19.19
N PHE A 107 -11.97 -3.59 -19.99
CA PHE A 107 -12.02 -2.16 -20.32
C PHE A 107 -12.11 -1.88 -21.80
N ASP A 108 -12.73 -0.77 -22.17
CA ASP A 108 -12.84 -0.35 -23.56
C ASP A 108 -12.16 0.94 -23.83
N GLY A 109 -12.30 1.40 -25.07
CA GLY A 109 -11.77 2.73 -25.40
C GLY A 109 -10.24 2.81 -25.31
N ALA A 110 -9.76 3.94 -24.77
CA ALA A 110 -8.34 4.20 -24.66
C ALA A 110 -7.71 3.68 -23.31
N LEU A 111 -8.54 2.98 -22.52
CA LEU A 111 -8.03 2.39 -21.24
C LEU A 111 -7.36 1.07 -21.50
N GLU A 112 -6.05 1.12 -21.72
CA GLU A 112 -5.28 0.01 -22.25
C GLU A 112 -3.92 -0.19 -21.64
N ARG A 113 -3.61 0.47 -20.48
CA ARG A 113 -2.40 0.23 -19.70
C ARG A 113 -2.69 0.19 -18.15
N LEU A 114 -1.74 -0.37 -17.39
CA LEU A 114 -1.99 -0.63 -15.98
C LEU A 114 -0.73 -0.32 -15.16
N PHE A 115 -0.93 0.28 -13.96
CA PHE A 115 0.03 0.29 -12.84
C PHE A 115 -0.61 -0.56 -11.71
N LEU A 116 0.06 -1.58 -11.23
CA LEU A 116 -0.46 -2.33 -10.08
C LEU A 116 0.08 -1.68 -8.76
N THR A 117 -0.71 -1.87 -7.67
CA THR A 117 -0.36 -1.39 -6.33
C THR A 117 -0.80 -2.47 -5.33
N ASN A 118 -0.70 -2.18 -4.01
CA ASN A 118 -1.07 -3.16 -2.97
C ASN A 118 -2.36 -2.74 -2.18
N SER A 119 -2.95 -1.58 -2.52
CA SER A 119 -4.12 -1.05 -1.76
C SER A 119 -4.87 0.01 -2.61
N GLY A 120 -6.11 0.27 -2.26
CA GLY A 120 -6.86 1.41 -2.89
C GLY A 120 -6.21 2.71 -2.59
N SER A 121 -5.73 2.95 -1.35
CA SER A 121 -5.01 4.28 -1.05
C SER A 121 -3.80 4.40 -1.96
N GLU A 122 -3.00 3.36 -2.11
CA GLU A 122 -1.80 3.45 -3.02
C GLU A 122 -2.27 3.81 -4.40
N ALA A 123 -3.39 3.24 -4.85
CA ALA A 123 -3.86 3.52 -6.24
C ALA A 123 -4.27 5.01 -6.37
N ASN A 124 -5.10 5.52 -5.46
CA ASN A 124 -5.55 6.91 -5.56
C ASN A 124 -4.37 7.88 -5.34
N GLU A 125 -3.41 7.61 -4.46
CA GLU A 125 -2.21 8.44 -4.34
C GLU A 125 -1.52 8.52 -5.65
N LEU A 126 -1.29 7.40 -6.33
CA LEU A 126 -0.59 7.39 -7.66
C LEU A 126 -1.39 8.12 -8.70
N ALA A 127 -2.69 7.88 -8.77
CA ALA A 127 -3.50 8.61 -9.78
C ALA A 127 -3.41 10.11 -9.60
N LEU A 128 -3.49 10.63 -8.36
CA LEU A 128 -3.38 12.11 -8.14
C LEU A 128 -2.01 12.58 -8.61
N ARG A 129 -0.95 11.78 -8.34
CA ARG A 129 0.43 12.11 -8.74
C ARG A 129 0.60 12.18 -10.23
N ILE A 130 0.14 11.17 -10.95
CA ILE A 130 0.14 11.19 -12.48
C ILE A 130 -0.58 12.42 -12.93
N ALA A 131 -1.74 12.70 -12.42
CA ALA A 131 -2.53 13.85 -12.89
C ALA A 131 -1.81 15.17 -12.62
N ARG A 132 -1.29 15.39 -11.42
CA ARG A 132 -0.61 16.71 -11.06
C ARG A 132 0.56 16.90 -12.03
N GLN A 133 1.37 15.90 -12.32
CA GLN A 133 2.52 16.07 -13.23
C GLN A 133 2.09 16.29 -14.68
N HIS A 134 1.03 15.62 -15.14
CA HIS A 134 0.58 15.76 -16.52
C HIS A 134 -0.09 17.12 -16.80
N THR A 135 -0.93 17.59 -15.88
CA THR A 135 -1.73 18.80 -16.05
C THR A 135 -0.91 20.04 -15.77
N GLY A 136 0.12 19.94 -14.92
CA GLY A 136 0.80 21.17 -14.44
C GLY A 136 -0.03 22.00 -13.46
N ASN A 137 -1.16 21.46 -12.99
CA ASN A 137 -2.08 22.06 -12.07
C ASN A 137 -2.15 21.25 -10.75
N THR A 138 -2.66 21.83 -9.68
CA THR A 138 -2.83 21.10 -8.40
C THR A 138 -4.26 21.05 -7.90
N GLY A 139 -5.23 21.78 -8.46
CA GLY A 139 -6.58 21.80 -7.93
C GLY A 139 -7.36 20.48 -7.99
N VAL A 140 -8.07 20.18 -6.88
CA VAL A 140 -8.88 18.94 -6.79
C VAL A 140 -10.33 19.27 -6.53
N LEU A 141 -11.24 18.70 -7.33
CA LEU A 141 -12.70 18.71 -7.08
C LEU A 141 -13.13 17.35 -6.54
N VAL A 142 -13.75 17.35 -5.37
CA VAL A 142 -14.27 16.16 -4.73
C VAL A 142 -15.67 16.44 -4.22
N SER A 143 -16.48 15.42 -3.80
CA SER A 143 -17.72 15.72 -3.12
C SER A 143 -17.48 16.22 -1.67
N ASP A 144 -18.49 16.91 -1.13
CA ASP A 144 -18.48 17.39 0.24
C ASP A 144 -18.77 16.35 1.30
N PHE A 145 -18.84 15.04 0.96
CA PHE A 145 -18.89 14.00 2.02
C PHE A 145 -18.30 12.70 1.41
N SER A 146 -16.98 12.74 1.18
CA SER A 146 -16.27 11.63 0.49
C SER A 146 -15.06 11.14 1.25
N TYR A 147 -14.58 9.95 0.84
CA TYR A 147 -13.38 9.34 1.42
C TYR A 147 -12.66 8.48 0.36
N HIS A 148 -11.41 8.85 0.06
CA HIS A 148 -10.65 8.17 -1.01
C HIS A 148 -9.33 7.52 -0.56
N GLY A 149 -9.05 7.57 0.75
CA GLY A 149 -7.88 6.90 1.33
C GLY A 149 -7.11 7.71 2.38
N ASN A 150 -5.95 7.13 2.80
CA ASN A 150 -5.36 7.49 4.10
C ASN A 150 -3.92 8.06 4.07
N THR A 151 -3.39 8.42 2.90
CA THR A 151 -2.09 9.09 2.73
C THR A 151 -2.22 10.58 3.16
N THR A 152 -1.09 11.32 3.19
CA THR A 152 -1.11 12.80 3.39
C THR A 152 -1.87 13.51 2.26
N SER A 153 -1.58 13.18 1.01
CA SER A 153 -2.28 13.91 -0.09
C SER A 153 -3.79 13.66 -0.11
N LEU A 154 -4.19 12.45 0.30
CA LEU A 154 -5.60 12.11 0.42
C LEU A 154 -6.29 12.72 1.66
N ALA A 155 -5.57 12.76 2.80
CA ALA A 155 -6.11 13.44 3.96
C ALA A 155 -6.45 14.89 3.71
N GLU A 156 -5.60 15.56 2.92
CA GLU A 156 -5.84 16.98 2.58
C GLU A 156 -7.10 17.22 1.77
N ILE A 157 -7.67 16.17 1.13
CA ILE A 157 -8.88 16.35 0.31
C ILE A 157 -10.10 15.72 0.96
N THR A 158 -9.94 15.07 2.16
CA THR A 158 -10.99 14.29 2.80
C THR A 158 -12.10 15.15 3.45
N THR A 159 -13.39 14.87 3.11
CA THR A 159 -14.54 15.61 3.64
C THR A 159 -15.51 14.72 4.44
N GLY A 160 -15.49 13.40 4.31
CA GLY A 160 -16.47 12.50 4.90
C GLY A 160 -16.02 11.73 6.08
N LEU A 161 -14.84 12.03 6.57
CA LEU A 161 -14.30 11.38 7.75
C LEU A 161 -13.39 12.39 8.50
N THR A 162 -13.22 12.23 9.85
CA THR A 162 -12.42 13.19 10.60
C THR A 162 -10.89 12.95 10.41
N VAL A 163 -10.18 14.00 10.00
CA VAL A 163 -8.72 14.04 9.95
C VAL A 163 -8.17 15.34 10.58
N HIS A 164 -6.94 15.29 11.08
CA HIS A 164 -6.34 16.51 11.71
C HIS A 164 -6.04 17.56 10.67
N GLU A 165 -5.66 17.17 9.45
CA GLU A 165 -5.29 18.15 8.41
C GLU A 165 -6.47 19.05 8.05
N PRO A 166 -6.30 20.38 8.01
CA PRO A 166 -7.36 21.21 7.50
C PRO A 166 -7.54 20.94 5.97
N LEU A 167 -8.77 21.13 5.49
CA LEU A 167 -8.99 20.91 4.04
C LEU A 167 -8.00 21.77 3.28
N GLY A 168 -7.33 21.22 2.27
CA GLY A 168 -6.31 21.94 1.51
C GLY A 168 -6.83 23.15 0.75
N ALA A 169 -5.95 24.17 0.66
CA ALA A 169 -6.40 25.35 -0.14
C ALA A 169 -6.59 25.03 -1.60
N HIS A 170 -5.99 23.95 -2.10
CA HIS A 170 -6.12 23.52 -3.50
C HIS A 170 -7.41 22.69 -3.74
N VAL A 171 -8.30 22.59 -2.76
CA VAL A 171 -9.46 21.64 -2.86
C VAL A 171 -10.73 22.52 -2.89
N ARG A 172 -11.72 22.09 -3.72
CA ARG A 172 -13.09 22.57 -3.60
C ARG A 172 -14.03 21.39 -3.46
N ALA A 173 -14.88 21.42 -2.41
CA ALA A 173 -15.90 20.38 -2.17
C ALA A 173 -17.24 20.71 -2.80
N LEU A 174 -17.84 19.79 -3.55
CA LEU A 174 -19.12 19.98 -4.28
C LEU A 174 -20.27 19.30 -3.58
N ARG A 175 -21.43 19.95 -3.57
CA ARG A 175 -22.66 19.27 -3.13
C ARG A 175 -23.23 18.53 -4.33
N ILE A 176 -23.07 17.19 -4.35
CA ILE A 176 -23.46 16.40 -5.54
C ILE A 176 -25.02 16.29 -5.55
N PRO A 177 -25.68 16.58 -6.66
CA PRO A 177 -27.17 16.62 -6.69
C PRO A 177 -27.79 15.20 -6.56
N ASP A 178 -28.91 15.12 -5.79
CA ASP A 178 -29.61 13.88 -5.55
C ASP A 178 -31.14 14.11 -5.92
N VAL A 179 -31.64 13.34 -6.89
CA VAL A 179 -33.08 13.49 -7.34
C VAL A 179 -34.01 12.67 -6.47
N SER A 180 -33.49 11.89 -5.51
CA SER A 180 -34.34 11.04 -4.61
C SER A 180 -35.42 11.86 -3.92
N GLY A 181 -36.66 11.48 -4.17
CA GLY A 181 -37.78 12.20 -3.57
C GLY A 181 -38.11 13.63 -4.09
N ILE A 182 -37.52 14.03 -5.21
CA ILE A 182 -37.75 15.37 -5.81
C ILE A 182 -38.74 15.21 -6.96
N ALA A 183 -39.64 16.18 -7.13
CA ALA A 183 -40.59 16.14 -8.26
C ALA A 183 -39.85 16.21 -9.58
N GLU A 184 -40.26 15.45 -10.60
CA GLU A 184 -39.60 15.41 -11.89
C GLU A 184 -39.50 16.85 -12.47
N VAL A 185 -40.50 17.69 -12.19
CA VAL A 185 -40.53 19.03 -12.77
C VAL A 185 -39.42 19.97 -12.25
N ASP A 186 -38.89 19.68 -11.05
CA ASP A 186 -37.81 20.38 -10.38
C ASP A 186 -36.40 19.83 -10.69
N VAL A 187 -36.31 18.74 -11.43
CA VAL A 187 -34.96 18.16 -11.78
C VAL A 187 -34.12 19.14 -12.70
N PRO A 188 -34.69 19.78 -13.76
CA PRO A 188 -33.83 20.66 -14.56
C PRO A 188 -33.22 21.83 -13.77
N VAL A 189 -33.94 22.45 -12.82
CA VAL A 189 -33.38 23.55 -12.04
C VAL A 189 -32.20 22.99 -11.14
N LEU A 190 -32.42 21.81 -10.57
CA LEU A 190 -31.36 21.17 -9.74
C LEU A 190 -30.11 20.92 -10.54
N LEU A 191 -30.25 20.46 -11.78
CA LEU A 191 -29.08 20.24 -12.64
C LEU A 191 -28.39 21.57 -12.96
N GLU A 192 -29.20 22.62 -13.33
CA GLU A 192 -28.61 23.91 -13.75
C GLU A 192 -27.86 24.52 -12.57
N GLN A 193 -28.42 24.50 -11.35
CA GLN A 193 -27.83 25.13 -10.17
C GLN A 193 -26.55 24.35 -9.74
N SER A 194 -26.57 23.00 -9.85
CA SER A 194 -25.39 22.19 -9.49
CA SER A 194 -25.39 22.21 -9.49
C SER A 194 -24.23 22.44 -10.45
N LEU A 195 -24.50 22.62 -11.77
CA LEU A 195 -23.45 22.89 -12.72
C LEU A 195 -22.88 24.31 -12.55
N ALA A 196 -23.76 25.23 -12.11
CA ALA A 196 -23.22 26.59 -11.79
C ALA A 196 -22.30 26.58 -10.61
N ASP A 197 -22.57 25.73 -9.62
CA ASP A 197 -21.65 25.56 -8.50
C ASP A 197 -20.26 24.99 -8.99
N VAL A 198 -20.28 24.08 -9.99
CA VAL A 198 -19.04 23.57 -10.56
C VAL A 198 -18.28 24.74 -11.28
N ASP A 199 -18.97 25.54 -12.11
CA ASP A 199 -18.37 26.71 -12.75
C ASP A 199 -17.64 27.62 -11.71
N ALA A 200 -18.33 27.83 -10.55
CA ALA A 200 -17.77 28.70 -9.52
C ALA A 200 -16.52 28.12 -8.86
N ALA A 201 -16.58 26.81 -8.56
CA ALA A 201 -15.45 26.11 -7.92
C ALA A 201 -14.21 26.16 -8.83
N ILE A 202 -14.41 25.89 -10.11
CA ILE A 202 -13.31 25.94 -11.09
C ILE A 202 -12.66 27.35 -11.19
N ALA A 203 -13.57 28.35 -11.31
CA ALA A 203 -13.09 29.74 -11.41
C ALA A 203 -12.29 30.10 -10.14
N SER A 204 -12.74 29.65 -8.96
CA SER A 204 -12.11 29.97 -7.65
C SER A 204 -10.71 29.35 -7.60
N LEU A 205 -10.56 28.05 -8.02
CA LEU A 205 -9.27 27.36 -8.14
C LEU A 205 -8.30 28.08 -9.04
N GLN A 206 -8.82 28.57 -10.16
CA GLN A 206 -7.97 29.29 -11.15
C GLN A 206 -7.48 30.64 -10.57
N ALA A 207 -8.39 31.37 -9.96
CA ALA A 207 -8.03 32.73 -9.37
C ALA A 207 -6.95 32.54 -8.32
N ALA A 208 -7.04 31.49 -7.50
CA ALA A 208 -6.03 31.22 -6.45
C ALA A 208 -4.71 30.64 -6.94
N GLY A 209 -4.53 30.32 -8.20
CA GLY A 209 -3.32 29.82 -8.78
C GLY A 209 -3.10 28.33 -8.71
N HIS A 210 -4.14 27.56 -8.34
CA HIS A 210 -4.03 26.10 -8.38
C HIS A 210 -4.37 25.49 -9.70
N GLY A 211 -5.26 26.11 -10.48
CA GLY A 211 -5.79 25.50 -11.66
C GLY A 211 -6.59 24.23 -11.33
N VAL A 212 -6.97 23.47 -12.34
CA VAL A 212 -7.73 22.20 -12.09
C VAL A 212 -6.86 21.04 -12.57
N SER A 213 -6.49 20.12 -11.63
CA SER A 213 -5.81 18.87 -11.94
C SER A 213 -6.84 17.71 -12.20
N VAL A 214 -7.78 17.55 -11.28
CA VAL A 214 -8.69 16.39 -11.35
C VAL A 214 -10.08 16.70 -10.80
N PHE A 215 -11.07 15.91 -11.26
CA PHE A 215 -12.31 15.57 -10.53
C PHE A 215 -12.21 14.08 -10.17
N LEU A 216 -12.38 13.77 -8.91
CA LEU A 216 -12.21 12.41 -8.39
C LEU A 216 -13.54 12.04 -7.72
N PHE A 217 -14.13 10.86 -8.03
CA PHE A 217 -15.50 10.51 -7.54
C PHE A 217 -15.66 9.00 -7.48
N ASP A 218 -16.49 8.58 -6.48
CA ASP A 218 -17.10 7.23 -6.43
C ASP A 218 -18.38 7.23 -7.21
N PRO A 219 -18.51 6.50 -8.31
CA PRO A 219 -19.80 6.54 -9.13
C PRO A 219 -21.10 6.25 -8.38
N LEU A 220 -21.06 5.43 -7.32
CA LEU A 220 -22.23 5.13 -6.48
C LEU A 220 -22.52 6.26 -5.46
N PHE A 221 -21.54 7.19 -5.24
CA PHE A 221 -21.66 8.21 -4.17
C PHE A 221 -22.18 7.55 -2.88
N SER A 222 -21.51 6.47 -2.48
CA SER A 222 -21.92 5.70 -1.32
C SER A 222 -21.70 6.36 0.02
N THR A 223 -20.52 6.90 0.33
CA THR A 223 -20.26 7.61 1.57
C THR A 223 -21.23 8.81 1.77
N GLU A 224 -21.57 9.46 0.64
CA GLU A 224 -22.46 10.61 0.58
C GLU A 224 -23.94 10.27 0.91
N GLY A 225 -24.28 9.00 1.02
CA GLY A 225 -25.67 8.50 1.25
C GLY A 225 -26.33 7.79 0.10
N LEU A 226 -25.60 7.27 -0.88
CA LEU A 226 -26.09 6.58 -2.06
C LEU A 226 -27.02 7.40 -2.94
N LEU A 227 -26.44 8.46 -3.52
CA LEU A 227 -27.19 9.45 -4.30
C LEU A 227 -27.62 8.97 -5.68
N GLN A 228 -28.77 9.48 -6.17
CA GLN A 228 -29.23 9.20 -7.54
C GLN A 228 -29.09 10.53 -8.30
N LEU A 229 -28.18 10.58 -9.26
CA LEU A 229 -27.90 11.86 -9.91
C LEU A 229 -28.83 12.15 -11.07
N PRO A 230 -29.10 13.46 -11.32
CA PRO A 230 -29.76 13.79 -12.61
C PRO A 230 -28.90 13.47 -13.80
N SER A 231 -29.49 13.05 -14.93
CA SER A 231 -28.78 12.82 -16.16
CA SER A 231 -28.75 12.81 -16.14
C SER A 231 -28.04 14.10 -16.60
N GLY A 232 -26.77 13.98 -17.03
CA GLY A 232 -25.98 15.10 -17.58
C GLY A 232 -25.04 15.76 -16.56
N TYR A 233 -25.17 15.46 -15.27
CA TYR A 233 -24.32 16.06 -14.27
C TYR A 233 -22.84 15.62 -14.43
N ILE A 234 -22.60 14.30 -14.38
CA ILE A 234 -21.22 13.81 -14.55
C ILE A 234 -20.59 14.24 -15.86
N GLU A 235 -21.37 14.12 -16.96
CA GLU A 235 -20.90 14.53 -18.27
C GLU A 235 -20.56 16.04 -18.32
N GLY A 236 -21.40 16.83 -17.69
CA GLY A 236 -21.17 18.31 -17.60
C GLY A 236 -19.88 18.65 -16.80
N VAL A 237 -19.69 17.94 -15.71
CA VAL A 237 -18.46 18.11 -14.92
C VAL A 237 -17.26 17.77 -15.73
N ALA A 238 -17.23 16.61 -16.44
CA ALA A 238 -16.16 16.25 -17.30
C ALA A 238 -15.81 17.28 -18.41
N THR A 239 -16.87 17.79 -19.06
CA THR A 239 -16.60 18.79 -20.11
C THR A 239 -15.90 20.04 -19.51
N ARG A 240 -16.42 20.47 -18.35
CA ARG A 240 -15.84 21.73 -17.69
C ARG A 240 -14.40 21.50 -17.17
N VAL A 241 -14.15 20.31 -16.58
CA VAL A 241 -12.84 19.99 -16.11
C VAL A 241 -11.81 19.92 -17.28
N ARG A 242 -12.20 19.26 -18.39
CA ARG A 242 -11.28 19.14 -19.55
C ARG A 242 -11.02 20.50 -20.16
N ALA A 243 -12.03 21.37 -20.13
CA ALA A 243 -11.79 22.74 -20.76
C ALA A 243 -10.79 23.49 -19.84
N ALA A 244 -10.73 23.17 -18.54
CA ALA A 244 -9.79 23.75 -17.57
C ALA A 244 -8.42 23.04 -17.58
N GLY A 245 -8.20 22.05 -18.47
CA GLY A 245 -6.93 21.37 -18.54
C GLY A 245 -6.73 20.23 -17.53
N GLY A 246 -7.81 19.75 -17.00
CA GLY A 246 -7.78 18.66 -15.97
C GLY A 246 -8.24 17.31 -16.51
N LEU A 247 -8.19 16.30 -15.62
CA LEU A 247 -8.54 14.89 -15.91
C LEU A 247 -9.65 14.42 -14.98
N VAL A 248 -10.28 13.33 -15.39
CA VAL A 248 -11.32 12.66 -14.57
C VAL A 248 -10.80 11.33 -14.04
N ILE A 249 -10.91 11.13 -12.69
CA ILE A 249 -10.55 9.86 -12.03
C ILE A 249 -11.89 9.23 -11.51
N SER A 250 -12.21 7.99 -11.99
CA SER A 250 -13.28 7.18 -11.32
C SER A 250 -12.65 6.26 -10.29
N ASP A 251 -13.04 6.44 -9.02
CA ASP A 251 -12.60 5.56 -7.91
C ASP A 251 -13.64 4.41 -7.86
N GLU A 252 -13.17 3.23 -8.33
CA GLU A 252 -14.00 2.00 -8.44
C GLU A 252 -13.83 1.10 -7.26
N VAL A 253 -13.31 1.58 -6.15
CA VAL A 253 -13.13 0.66 -4.98
C VAL A 253 -14.45 0.15 -4.49
N GLN A 254 -15.49 0.94 -4.46
CA GLN A 254 -16.86 0.51 -4.03
C GLN A 254 -17.75 0.00 -5.18
N SER A 255 -17.62 0.53 -6.40
CA SER A 255 -18.54 0.25 -7.44
C SER A 255 -18.04 -0.74 -8.49
N GLY A 256 -16.78 -1.16 -8.41
CA GLY A 256 -16.18 -1.99 -9.49
C GLY A 256 -16.44 -3.47 -9.39
N PHE A 257 -15.82 -4.21 -10.31
CA PHE A 257 -15.88 -5.69 -10.33
C PHE A 257 -17.33 -6.20 -10.41
N GLY A 258 -18.20 -5.46 -11.10
CA GLY A 258 -19.59 -5.92 -11.34
C GLY A 258 -20.56 -5.81 -10.22
N ARG A 259 -20.17 -5.06 -9.19
CA ARG A 259 -21.08 -4.73 -8.03
C ARG A 259 -22.42 -4.13 -8.44
N THR A 260 -22.42 -3.25 -9.43
CA THR A 260 -23.65 -2.56 -9.87
C THR A 260 -24.52 -3.44 -10.79
N GLY A 261 -24.04 -4.60 -11.24
CA GLY A 261 -24.86 -5.52 -12.10
C GLY A 261 -24.92 -5.07 -13.58
N SER A 262 -25.14 -3.76 -13.84
CA SER A 262 -25.38 -3.28 -15.19
C SER A 262 -24.14 -3.04 -16.00
N GLY A 263 -22.96 -3.08 -15.37
CA GLY A 263 -21.65 -2.96 -16.06
C GLY A 263 -20.52 -3.44 -15.12
N MET A 264 -19.34 -3.71 -15.65
CA MET A 264 -18.20 -4.04 -14.82
C MET A 264 -17.82 -2.88 -13.89
N TRP A 265 -17.94 -1.63 -14.37
CA TRP A 265 -17.44 -0.43 -13.67
C TRP A 265 -18.57 0.53 -13.46
N GLY A 266 -18.65 1.09 -12.26
CA GLY A 266 -19.66 2.12 -11.97
C GLY A 266 -19.68 3.32 -12.87
N TYR A 267 -18.53 3.74 -13.40
CA TYR A 267 -18.57 4.96 -14.30
C TYR A 267 -19.47 4.77 -15.47
N GLN A 268 -19.76 3.50 -15.85
CA GLN A 268 -20.58 3.16 -17.03
C GLN A 268 -22.02 3.54 -16.78
N MET A 269 -22.47 3.82 -15.56
CA MET A 269 -23.82 4.45 -15.33
C MET A 269 -23.95 5.84 -15.95
N PHE A 270 -22.86 6.49 -16.34
CA PHE A 270 -22.84 7.84 -16.91
C PHE A 270 -22.27 7.76 -18.30
N ASN A 271 -22.50 8.81 -19.07
CA ASN A 271 -21.92 8.87 -20.41
C ASN A 271 -20.54 9.58 -20.36
N VAL A 272 -19.57 8.85 -19.78
CA VAL A 272 -18.23 9.37 -19.50
C VAL A 272 -17.18 8.25 -19.69
N GLU A 273 -16.02 8.62 -20.20
CA GLU A 273 -14.84 7.68 -20.26
C GLU A 273 -13.72 8.38 -19.52
N PRO A 274 -13.45 7.99 -18.25
CA PRO A 274 -12.33 8.59 -17.51
C PRO A 274 -10.96 8.31 -18.10
N GLU A 275 -9.99 9.21 -17.84
CA GLU A 275 -8.61 9.02 -18.17
C GLU A 275 -7.87 8.03 -17.22
N LEU A 276 -8.39 7.99 -15.97
CA LEU A 276 -7.76 7.20 -14.89
C LEU A 276 -8.89 6.53 -14.10
N VAL A 277 -8.63 5.23 -13.80
CA VAL A 277 -9.60 4.37 -13.03
C VAL A 277 -8.81 3.68 -11.91
N THR A 278 -9.27 3.87 -10.67
CA THR A 278 -8.56 3.24 -9.50
C THR A 278 -9.45 2.14 -8.91
N MET A 279 -8.81 1.16 -8.26
CA MET A 279 -9.53 -0.01 -7.74
C MET A 279 -8.71 -0.59 -6.56
N GLY A 280 -9.40 -1.48 -5.80
CA GLY A 280 -8.82 -2.13 -4.61
C GLY A 280 -9.88 -3.11 -4.09
N LYS A 281 -10.22 -2.98 -2.79
CA LYS A 281 -11.08 -3.88 -1.98
C LYS A 281 -11.30 -5.30 -2.58
N PRO A 282 -12.42 -5.52 -3.35
CA PRO A 282 -12.64 -6.90 -3.85
C PRO A 282 -11.57 -7.60 -4.65
N MET A 283 -10.66 -6.84 -5.28
CA MET A 283 -9.95 -7.43 -6.43
C MET A 283 -9.16 -8.70 -6.23
N GLY A 284 -8.68 -8.96 -4.98
CA GLY A 284 -7.97 -10.18 -4.60
C GLY A 284 -8.66 -11.05 -3.53
N ASN A 285 -9.95 -10.82 -3.33
CA ASN A 285 -10.76 -11.56 -2.32
C ASN A 285 -10.35 -11.33 -0.87
N GLY A 286 -9.48 -10.36 -0.66
CA GLY A 286 -8.79 -10.12 0.67
C GLY A 286 -7.28 -10.07 0.61
N HIS A 287 -6.69 -10.47 -0.51
CA HIS A 287 -5.23 -10.29 -0.76
C HIS A 287 -4.96 -8.78 -0.95
N PRO A 288 -3.83 -8.20 -0.54
CA PRO A 288 -3.64 -6.72 -0.71
C PRO A 288 -3.23 -6.38 -2.17
N ILE A 289 -4.19 -5.91 -2.92
CA ILE A 289 -3.97 -5.58 -4.36
C ILE A 289 -4.83 -4.29 -4.61
N GLY A 290 -4.24 -3.38 -5.41
CA GLY A 290 -4.94 -2.27 -6.03
C GLY A 290 -4.39 -2.05 -7.45
N ALA A 291 -5.01 -1.09 -8.14
CA ALA A 291 -4.52 -0.72 -9.51
C ALA A 291 -4.97 0.66 -9.91
N VAL A 292 -4.17 1.24 -10.88
CA VAL A 292 -4.56 2.42 -11.66
C VAL A 292 -4.57 1.94 -13.16
N VAL A 293 -5.72 1.98 -13.81
CA VAL A 293 -5.87 1.71 -15.28
C VAL A 293 -5.94 3.07 -16.02
N THR A 294 -5.15 3.20 -17.10
CA THR A 294 -5.01 4.51 -17.77
C THR A 294 -4.71 4.30 -19.26
N THR A 295 -4.43 5.43 -19.95
CA THR A 295 -4.14 5.43 -21.37
C THR A 295 -2.65 5.18 -21.61
N ALA A 296 -2.34 4.76 -22.84
CA ALA A 296 -0.95 4.64 -23.27
C ALA A 296 -0.15 5.93 -23.19
N GLU A 297 -0.72 7.04 -23.61
CA GLU A 297 -0.05 8.32 -23.51
C GLU A 297 0.32 8.68 -22.07
N LEU A 298 -0.63 8.51 -21.13
CA LEU A 298 -0.39 8.87 -19.73
C LEU A 298 0.65 7.95 -19.09
N LEU A 299 0.50 6.61 -19.28
CA LEU A 299 1.52 5.70 -18.69
C LEU A 299 2.94 6.00 -19.23
N ASP A 300 3.07 6.17 -20.57
CA ASP A 300 4.36 6.38 -21.17
CA ASP A 300 4.37 6.35 -21.15
C ASP A 300 5.02 7.70 -20.66
N GLU A 301 4.24 8.78 -20.56
CA GLU A 301 4.72 10.06 -20.09
C GLU A 301 5.30 9.95 -18.67
N PHE A 302 4.47 9.30 -17.79
CA PHE A 302 4.90 9.22 -16.38
C PHE A 302 6.17 8.39 -16.24
N GLY A 303 6.28 7.29 -16.97
CA GLY A 303 7.54 6.46 -16.91
C GLY A 303 8.77 7.11 -17.53
N ARG A 304 8.56 7.99 -18.48
CA ARG A 304 9.72 8.75 -19.03
C ARG A 304 10.23 9.76 -17.99
N HIS A 305 9.37 10.29 -17.13
CA HIS A 305 9.69 11.34 -16.19
C HIS A 305 10.05 10.85 -14.76
N ASN A 306 9.84 9.55 -14.44
CA ASN A 306 10.08 9.07 -13.08
C ASN A 306 10.52 7.63 -13.10
N MET A 307 11.51 7.28 -12.25
CA MET A 307 11.91 5.90 -12.06
C MET A 307 10.96 5.24 -11.02
N PHE A 308 9.72 5.04 -11.47
CA PHE A 308 8.63 4.56 -10.60
C PHE A 308 8.70 3.04 -10.40
N PHE A 309 8.59 2.61 -9.13
CA PHE A 309 8.70 1.16 -8.79
C PHE A 309 7.98 0.95 -7.45
N ASN A 310 7.16 -0.11 -7.34
CA ASN A 310 6.44 -0.59 -6.17
C ASN A 310 6.87 -2.04 -6.00
N THR A 311 7.58 -2.37 -4.92
CA THR A 311 8.28 -3.66 -4.82
C THR A 311 7.33 -4.84 -4.82
N PHE A 312 6.25 -4.79 -4.06
CA PHE A 312 5.31 -5.93 -3.96
C PHE A 312 4.28 -5.94 -5.11
N ALA A 313 4.12 -4.81 -5.84
CA ALA A 313 3.07 -4.79 -6.85
C ALA A 313 3.33 -5.76 -7.99
N GLY A 314 2.31 -6.50 -8.42
CA GLY A 314 2.55 -7.41 -9.56
C GLY A 314 3.40 -8.60 -9.32
N ASN A 315 3.67 -8.91 -8.06
CA ASN A 315 4.33 -10.17 -7.79
C ASN A 315 3.44 -11.35 -8.27
N PRO A 316 4.02 -12.58 -8.51
CA PRO A 316 3.27 -13.62 -9.09
C PRO A 316 2.08 -14.16 -8.23
N VAL A 317 2.23 -14.09 -6.87
CA VAL A 317 1.19 -14.57 -5.97
C VAL A 317 -0.06 -13.64 -5.93
N SER A 318 0.18 -12.32 -5.83
CA SER A 318 -0.87 -11.32 -6.04
C SER A 318 -1.56 -11.48 -7.40
N SER A 319 -0.76 -11.70 -8.45
CA SER A 319 -1.32 -11.90 -9.81
C SER A 319 -2.19 -13.15 -9.85
N ALA A 320 -1.74 -14.25 -9.24
CA ALA A 320 -2.53 -15.53 -9.17
C ALA A 320 -3.86 -15.28 -8.46
N ALA A 321 -3.85 -14.54 -7.31
CA ALA A 321 -5.06 -14.19 -6.59
C ALA A 321 -6.07 -13.39 -7.45
N GLY A 322 -5.53 -12.35 -8.13
CA GLY A 322 -6.44 -11.54 -8.95
C GLY A 322 -6.99 -12.29 -10.17
N LEU A 323 -6.17 -13.18 -10.77
CA LEU A 323 -6.66 -13.99 -11.91
C LEU A 323 -7.77 -14.94 -11.43
N ALA A 324 -7.59 -15.55 -10.24
CA ALA A 324 -8.63 -16.47 -9.72
C ALA A 324 -9.94 -15.83 -9.38
N VAL A 325 -9.89 -14.57 -8.92
CA VAL A 325 -11.13 -13.79 -8.67
C VAL A 325 -11.89 -13.56 -9.99
N LEU A 326 -11.17 -13.07 -11.04
CA LEU A 326 -11.82 -12.83 -12.30
C LEU A 326 -12.34 -14.11 -12.96
N ARG A 327 -11.55 -15.19 -12.87
CA ARG A 327 -11.98 -16.46 -13.48
C ARG A 327 -13.28 -16.98 -12.79
N TYR A 328 -13.33 -16.94 -11.44
CA TYR A 328 -14.49 -17.39 -10.71
C TYR A 328 -15.70 -16.59 -10.96
N MET A 329 -15.55 -15.24 -10.97
CA MET A 329 -16.74 -14.42 -11.25
C MET A 329 -17.28 -14.65 -12.69
N ASP A 330 -16.36 -14.86 -13.66
CA ASP A 330 -16.77 -15.16 -15.04
C ASP A 330 -17.51 -16.53 -15.05
N GLN A 331 -16.87 -17.59 -14.53
CA GLN A 331 -17.44 -18.97 -14.62
C GLN A 331 -18.78 -19.08 -13.98
N GLU A 332 -19.00 -18.36 -12.85
CA GLU A 332 -20.24 -18.41 -12.10
C GLU A 332 -21.27 -17.38 -12.45
N ASP A 333 -20.96 -16.56 -13.54
CA ASP A 333 -21.89 -15.60 -14.07
C ASP A 333 -22.37 -14.57 -13.03
N LEU A 334 -21.45 -14.16 -12.13
CA LEU A 334 -21.89 -13.36 -10.98
C LEU A 334 -22.39 -11.95 -11.30
N MET A 335 -21.79 -11.27 -12.30
CA MET A 335 -22.23 -9.91 -12.67
C MET A 335 -23.73 -9.94 -13.17
N ALA A 336 -24.01 -10.86 -14.15
CA ALA A 336 -25.38 -10.94 -14.64
C ALA A 336 -26.38 -11.31 -13.55
N LYS A 337 -25.96 -12.23 -12.66
CA LYS A 337 -26.84 -12.66 -11.54
C LYS A 337 -27.12 -11.45 -10.65
N ALA A 338 -26.09 -10.62 -10.36
CA ALA A 338 -26.26 -9.43 -9.49
C ALA A 338 -27.25 -8.41 -10.17
N ASP A 339 -27.19 -8.25 -11.51
CA ASP A 339 -28.11 -7.37 -12.20
C ASP A 339 -29.58 -7.84 -11.99
N GLN A 340 -29.83 -9.15 -12.23
CA GLN A 340 -31.19 -9.68 -12.09
C GLN A 340 -31.68 -9.64 -10.62
N LEU A 341 -30.81 -10.02 -9.71
CA LEU A 341 -31.14 -10.06 -8.28
C LEU A 341 -31.34 -8.63 -7.75
N GLY A 342 -30.52 -7.67 -8.22
CA GLY A 342 -30.77 -6.27 -7.83
C GLY A 342 -32.13 -5.74 -8.23
N LYS A 343 -32.62 -6.14 -9.40
CA LYS A 343 -33.96 -5.74 -9.85
C LYS A 343 -35.07 -6.25 -8.88
N TYR A 344 -34.93 -7.47 -8.43
CA TYR A 344 -35.85 -8.10 -7.49
C TYR A 344 -35.78 -7.44 -6.10
N ILE A 345 -34.54 -7.16 -5.63
CA ILE A 345 -34.38 -6.45 -4.31
C ILE A 345 -34.98 -5.08 -4.34
N ARG A 346 -34.78 -4.33 -5.46
CA ARG A 346 -35.37 -2.99 -5.58
C ARG A 346 -36.88 -2.99 -5.48
N LYS A 347 -37.54 -3.93 -6.18
CA LYS A 347 -39.01 -4.07 -6.06
C LYS A 347 -39.44 -4.35 -4.63
N ARG A 348 -38.74 -5.24 -3.97
CA ARG A 348 -39.09 -5.52 -2.55
C ARG A 348 -38.90 -4.32 -1.66
N LEU A 349 -37.75 -3.61 -1.78
CA LEU A 349 -37.50 -2.43 -0.96
C LEU A 349 -38.52 -1.29 -1.29
N GLU A 350 -38.93 -1.09 -2.56
CA GLU A 350 -40.03 -0.11 -2.88
C GLU A 350 -41.37 -0.48 -2.12
N ASN A 351 -41.69 -1.75 -2.03
CA ASN A 351 -42.87 -2.19 -1.23
C ASN A 351 -42.70 -1.85 0.23
N ILE A 352 -41.52 -2.12 0.78
CA ILE A 352 -41.21 -1.77 2.19
C ILE A 352 -41.32 -0.28 2.39
N ALA A 353 -40.84 0.55 1.48
CA ALA A 353 -40.86 1.98 1.68
C ALA A 353 -42.26 2.60 1.65
N GLN A 354 -43.10 2.08 0.77
CA GLN A 354 -44.53 2.48 0.70
C GLN A 354 -45.26 2.18 1.99
N ARG A 355 -45.00 1.07 2.62
CA ARG A 355 -45.62 0.65 3.85
C ARG A 355 -45.05 1.19 5.18
N SER A 356 -43.78 1.60 5.25
CA SER A 356 -43.18 2.02 6.55
C SER A 356 -43.05 3.50 6.61
N GLY A 357 -43.66 4.12 7.67
CA GLY A 357 -43.43 5.53 7.90
C GLY A 357 -42.01 5.86 8.41
N ASN A 358 -41.17 4.82 8.74
CA ASN A 358 -39.76 5.06 9.09
C ASN A 358 -38.78 4.90 7.86
N VAL A 359 -39.32 4.73 6.64
CA VAL A 359 -38.46 4.61 5.41
C VAL A 359 -38.72 5.71 4.44
N GLY A 360 -37.68 6.31 3.94
CA GLY A 360 -37.73 7.38 2.92
C GLY A 360 -37.54 6.78 1.52
N SER A 361 -36.43 7.06 0.84
CA SER A 361 -36.23 6.58 -0.50
C SER A 361 -35.40 5.24 -0.56
N VAL A 362 -35.63 4.51 -1.62
CA VAL A 362 -34.84 3.31 -1.99
C VAL A 362 -33.65 3.79 -2.88
N ARG A 363 -32.46 3.27 -2.61
CA ARG A 363 -31.25 3.78 -3.23
C ARG A 363 -30.38 2.60 -3.74
N GLY A 364 -29.62 2.91 -4.76
CA GLY A 364 -28.54 1.97 -5.28
C GLY A 364 -28.97 1.13 -6.46
N ARG A 365 -28.15 0.12 -6.85
CA ARG A 365 -28.58 -0.90 -7.85
C ARG A 365 -27.66 -2.12 -7.72
N GLY A 366 -28.01 -3.19 -8.35
CA GLY A 366 -27.23 -4.38 -8.34
C GLY A 366 -27.18 -4.89 -6.93
N LEU A 367 -25.99 -5.18 -6.41
CA LEU A 367 -25.85 -5.68 -5.01
C LEU A 367 -25.26 -4.58 -4.08
N PHE A 368 -25.53 -3.31 -4.35
CA PHE A 368 -25.23 -2.20 -3.42
C PHE A 368 -26.53 -1.41 -3.26
N PHE A 369 -27.24 -1.69 -2.15
CA PHE A 369 -28.59 -1.06 -1.93
CA PHE A 369 -28.54 -1.11 -1.95
C PHE A 369 -28.64 -0.42 -0.60
N GLY A 370 -29.54 0.55 -0.48
CA GLY A 370 -29.82 1.19 0.80
C GLY A 370 -31.21 1.83 0.86
N ILE A 371 -31.58 2.18 2.10
CA ILE A 371 -32.83 2.97 2.36
C ILE A 371 -32.51 4.02 3.47
N ASP A 372 -33.01 4.98 3.47
CA ASP A 372 -33.01 6.18 4.34
C ASP A 372 -33.99 5.95 5.46
N ILE A 373 -33.48 6.03 6.68
CA ILE A 373 -34.34 5.79 7.90
C ILE A 373 -34.71 7.18 8.48
N ILE A 374 -36.04 7.38 8.65
CA ILE A 374 -36.64 8.69 9.02
C ILE A 374 -37.63 8.55 10.18
N GLU A 375 -37.88 9.70 10.84
CA GLU A 375 -38.96 9.74 11.86
C GLU A 375 -40.28 9.58 11.14
N SER A 376 -41.26 8.99 11.88
CA SER A 376 -42.57 8.75 11.31
C SER A 376 -43.58 9.74 11.89
N ASP A 377 -43.10 10.89 12.35
CA ASP A 377 -43.96 11.93 13.02
C ASP A 377 -44.47 12.99 12.05
N GLY A 378 -44.24 12.82 10.74
CA GLY A 378 -44.59 13.82 9.74
C GLY A 378 -43.42 14.72 9.37
N SER A 379 -42.37 14.84 10.19
CA SER A 379 -41.23 15.69 9.81
C SER A 379 -40.38 15.12 8.63
N ARG A 380 -40.45 13.79 8.38
CA ARG A 380 -39.47 13.07 7.57
C ARG A 380 -37.98 13.38 7.95
N ASN A 381 -37.70 13.75 9.23
CA ASN A 381 -36.30 14.03 9.62
C ASN A 381 -35.44 12.74 9.66
N PRO A 382 -34.15 12.85 9.30
CA PRO A 382 -33.21 11.72 9.50
C PRO A 382 -33.25 11.17 10.88
N ALA A 383 -33.25 9.85 11.01
CA ALA A 383 -33.29 9.18 12.29
C ALA A 383 -32.10 8.25 12.57
N PRO A 384 -30.96 8.84 12.92
CA PRO A 384 -29.77 8.05 13.22
C PRO A 384 -29.95 7.10 14.35
N ALA A 385 -30.64 7.52 15.44
CA ALA A 385 -30.75 6.57 16.54
C ALA A 385 -31.60 5.30 16.18
N LEU A 386 -32.66 5.48 15.37
CA LEU A 386 -33.49 4.36 14.90
C LEU A 386 -32.62 3.44 13.93
N THR A 387 -31.76 4.09 13.18
CA THR A 387 -30.83 3.32 12.28
C THR A 387 -29.94 2.41 13.07
N LYS A 388 -29.36 2.89 14.20
CA LYS A 388 -28.51 2.09 15.06
C LYS A 388 -29.26 0.90 15.67
N ILE A 389 -30.49 1.20 16.14
CA ILE A 389 -31.42 0.13 16.67
C ILE A 389 -31.58 -1.02 15.63
N LEU A 390 -31.86 -0.61 14.39
CA LEU A 390 -32.02 -1.62 13.31
C LEU A 390 -30.74 -2.46 13.05
N ILE A 391 -29.60 -1.77 13.02
CA ILE A 391 -28.33 -2.52 12.81
C ILE A 391 -28.03 -3.55 13.92
N GLU A 392 -28.24 -3.14 15.21
CA GLU A 392 -28.03 -4.08 16.31
C GLU A 392 -29.10 -5.20 16.32
N ASP A 393 -30.37 -4.83 16.05
CA ASP A 393 -31.42 -5.83 16.00
C ASP A 393 -31.19 -6.92 14.88
N MET A 394 -30.75 -6.42 13.71
CA MET A 394 -30.45 -7.33 12.62
C MET A 394 -29.30 -8.28 12.97
N ARG A 395 -28.25 -7.76 13.67
CA ARG A 395 -27.20 -8.65 14.22
C ARG A 395 -27.77 -9.76 15.11
N GLU A 396 -28.66 -9.33 16.07
CA GLU A 396 -29.29 -10.33 16.93
C GLU A 396 -30.07 -11.42 16.16
N ARG A 397 -30.64 -10.99 15.05
CA ARG A 397 -31.36 -11.87 14.12
C ARG A 397 -30.48 -12.69 13.17
N GLY A 398 -29.17 -12.50 13.27
CA GLY A 398 -28.23 -13.27 12.47
C GLY A 398 -27.87 -12.61 11.12
N VAL A 399 -27.94 -11.31 11.02
CA VAL A 399 -27.64 -10.62 9.70
C VAL A 399 -26.70 -9.44 9.96
N LEU A 400 -25.59 -9.36 9.21
CA LEU A 400 -24.63 -8.25 9.32
C LEU A 400 -24.90 -7.17 8.26
N ILE A 401 -25.26 -5.97 8.67
CA ILE A 401 -25.43 -4.79 7.85
C ILE A 401 -24.77 -3.56 8.54
N SER A 402 -24.72 -2.47 7.87
CA SER A 402 -24.15 -1.23 8.40
C SER A 402 -24.95 0.01 7.93
N ARG A 403 -24.32 1.20 8.04
CA ARG A 403 -24.92 2.47 7.55
C ARG A 403 -23.92 3.44 6.97
N VAL A 404 -24.41 4.41 6.23
CA VAL A 404 -23.62 5.45 5.60
C VAL A 404 -24.37 6.77 5.64
N GLY A 405 -23.70 7.84 5.18
CA GLY A 405 -24.30 9.14 4.93
C GLY A 405 -23.96 10.20 5.98
N PRO A 406 -24.10 11.49 5.58
CA PRO A 406 -23.78 12.58 6.49
C PRO A 406 -24.71 12.71 7.70
N HIS A 407 -25.91 12.14 7.62
CA HIS A 407 -26.80 12.10 8.78
C HIS A 407 -26.87 10.74 9.44
N ASP A 408 -25.98 9.79 9.05
CA ASP A 408 -25.84 8.52 9.72
C ASP A 408 -27.16 7.70 9.74
N ASN A 409 -27.91 7.79 8.66
CA ASN A 409 -29.25 7.18 8.58
C ASN A 409 -29.57 6.38 7.33
N VAL A 410 -28.55 6.09 6.47
CA VAL A 410 -28.82 5.26 5.27
C VAL A 410 -28.33 3.85 5.56
N LEU A 411 -29.30 2.93 5.69
CA LEU A 411 -29.01 1.53 5.97
C LEU A 411 -28.42 0.91 4.73
N LYS A 412 -27.24 0.29 4.86
CA LYS A 412 -26.43 -0.15 3.74
C LYS A 412 -26.28 -1.65 3.69
N MET A 413 -26.45 -2.18 2.47
CA MET A 413 -26.36 -3.66 2.28
C MET A 413 -25.61 -3.95 1.02
N ARG A 414 -24.56 -4.75 1.18
CA ARG A 414 -23.49 -4.86 0.18
C ARG A 414 -22.82 -6.17 0.48
N PRO A 415 -23.47 -7.29 0.10
CA PRO A 415 -22.92 -8.64 0.45
C PRO A 415 -21.82 -9.15 -0.48
N PRO A 416 -21.09 -10.19 -0.17
CA PRO A 416 -20.28 -10.91 -1.17
C PRO A 416 -21.09 -11.15 -2.45
N LEU A 417 -20.44 -11.11 -3.63
CA LEU A 417 -21.16 -11.21 -4.94
C LEU A 417 -21.66 -12.65 -5.24
N VAL A 418 -21.39 -13.64 -4.37
CA VAL A 418 -21.98 -14.96 -4.41
C VAL A 418 -23.32 -15.04 -3.66
N PHE A 419 -23.86 -13.94 -3.16
CA PHE A 419 -25.18 -13.87 -2.47
C PHE A 419 -26.25 -14.00 -3.53
N GLY A 420 -27.18 -14.93 -3.24
CA GLY A 420 -28.26 -15.35 -4.16
C GLY A 420 -29.68 -15.02 -3.63
N ARG A 421 -30.72 -15.46 -4.35
CA ARG A 421 -32.10 -15.15 -4.08
C ARG A 421 -32.57 -15.65 -2.74
N GLU A 422 -32.20 -16.90 -2.43
CA GLU A 422 -32.55 -17.38 -1.06
C GLU A 422 -31.98 -16.47 0.03
N HIS A 423 -30.73 -16.00 -0.13
CA HIS A 423 -30.15 -15.12 0.88
C HIS A 423 -30.82 -13.75 0.95
N ALA A 424 -31.19 -13.15 -0.23
CA ALA A 424 -31.93 -11.95 -0.31
C ALA A 424 -33.25 -12.06 0.50
N ASP A 425 -33.95 -13.21 0.31
CA ASP A 425 -35.24 -13.34 1.03
C ASP A 425 -35.05 -13.46 2.54
N ILE A 426 -33.98 -14.13 2.98
CA ILE A 426 -33.69 -14.12 4.45
C ILE A 426 -33.47 -12.71 4.99
N LEU A 427 -32.54 -11.98 4.31
CA LEU A 427 -32.18 -10.62 4.73
C LEU A 427 -33.42 -9.72 4.76
N LEU A 428 -34.17 -9.66 3.65
CA LEU A 428 -35.31 -8.74 3.47
C LEU A 428 -36.49 -9.05 4.45
N GLY A 429 -36.68 -10.34 4.69
CA GLY A 429 -37.75 -10.76 5.68
C GLY A 429 -37.37 -10.33 7.12
N GLN A 430 -36.08 -10.52 7.49
CA GLN A 430 -35.63 -10.01 8.81
C GLN A 430 -35.69 -8.50 8.89
N LEU A 431 -35.41 -7.78 7.81
CA LEU A 431 -35.45 -6.36 7.79
C LEU A 431 -36.87 -5.84 8.02
N GLU A 432 -37.84 -6.46 7.31
CA GLU A 432 -39.28 -6.12 7.56
C GLU A 432 -39.74 -6.37 8.98
N LEU A 433 -39.36 -7.48 9.56
CA LEU A 433 -39.69 -7.75 10.94
C LEU A 433 -39.02 -6.78 11.92
N SER A 434 -37.77 -6.45 11.65
CA SER A 434 -37.07 -5.43 12.43
C SER A 434 -37.75 -4.04 12.38
N LEU A 435 -38.09 -3.53 11.21
CA LEU A 435 -38.82 -2.28 10.99
C LEU A 435 -40.15 -2.30 11.78
N ALA A 436 -40.82 -3.44 11.74
CA ALA A 436 -42.13 -3.50 12.38
C ALA A 436 -41.98 -3.38 13.89
N SER A 437 -40.84 -3.73 14.47
CA SER A 437 -40.56 -3.62 15.89
CA SER A 437 -40.60 -3.64 15.91
C SER A 437 -40.23 -2.20 16.39
N LEU A 438 -40.03 -1.23 15.52
CA LEU A 438 -39.71 0.15 15.99
C LEU A 438 -40.96 0.78 16.70
N PRO A 439 -40.74 1.73 17.64
CA PRO A 439 -41.90 2.37 18.34
C PRO A 439 -42.91 3.12 17.39
N GLN A 440 -44.18 3.17 17.79
CA GLN A 440 -45.21 3.84 17.00
C GLN A 440 -45.33 5.30 17.39
N ASP B 18 5.24 -13.56 -27.57
CA ASP B 18 6.54 -13.22 -26.89
C ASP B 18 6.29 -12.41 -25.59
N LEU B 19 6.82 -12.93 -24.50
CA LEU B 19 6.47 -12.39 -23.15
C LEU B 19 6.86 -10.90 -22.99
N LEU B 20 8.05 -10.51 -23.42
CA LEU B 20 8.50 -9.14 -23.31
C LEU B 20 7.61 -8.15 -24.05
N ALA B 21 7.24 -8.51 -25.29
CA ALA B 21 6.32 -7.65 -26.00
C ALA B 21 4.90 -7.53 -25.31
N ARG B 22 4.43 -8.64 -24.77
CA ARG B 22 3.15 -8.68 -24.06
C ARG B 22 3.19 -7.79 -22.77
N ARG B 23 4.34 -7.82 -22.08
CA ARG B 23 4.58 -6.95 -20.94
C ARG B 23 4.55 -5.49 -21.37
N TYR B 24 5.25 -5.15 -22.46
CA TYR B 24 5.31 -3.77 -22.85
C TYR B 24 3.93 -3.22 -23.27
N ALA B 25 3.04 -4.09 -23.78
CA ALA B 25 1.69 -3.71 -24.18
C ALA B 25 0.66 -3.56 -23.03
N THR B 26 1.10 -3.92 -21.81
CA THR B 26 0.20 -3.87 -20.63
C THR B 26 0.74 -2.96 -19.52
N ILE B 27 1.88 -3.36 -18.93
CA ILE B 27 2.50 -2.56 -17.84
C ILE B 27 3.57 -1.58 -18.36
N GLY B 28 3.86 -1.64 -19.67
CA GLY B 28 4.70 -0.64 -20.32
C GLY B 28 6.16 -0.98 -20.37
N PRO B 29 6.94 -0.20 -21.17
CA PRO B 29 8.35 -0.46 -21.36
C PRO B 29 9.28 0.21 -20.34
N HIS B 30 8.75 1.04 -19.42
CA HIS B 30 9.58 1.77 -18.50
C HIS B 30 9.76 1.02 -17.18
N SER B 31 8.74 0.26 -16.74
CA SER B 31 8.84 -0.48 -15.45
C SER B 31 10.17 -1.24 -15.54
N PRO B 32 11.05 -1.16 -14.48
CA PRO B 32 12.44 -1.62 -14.72
C PRO B 32 12.63 -3.18 -14.77
N LEU B 33 13.61 -3.59 -15.60
CA LEU B 33 14.09 -4.99 -15.75
C LEU B 33 15.58 -5.02 -15.53
N PHE B 34 16.07 -5.98 -14.78
CA PHE B 34 17.49 -6.22 -14.67
C PHE B 34 18.14 -6.79 -15.97
N TYR B 35 19.43 -6.43 -16.14
CA TYR B 35 20.37 -7.03 -17.13
C TYR B 35 20.24 -6.47 -18.51
N ARG B 36 21.30 -6.64 -19.33
CA ARG B 36 21.20 -6.20 -20.74
C ARG B 36 20.08 -6.94 -21.50
N GLN B 37 19.93 -8.25 -21.28
CA GLN B 37 18.84 -9.13 -21.78
C GLN B 37 17.95 -9.52 -20.54
N PRO B 38 16.66 -9.16 -20.55
CA PRO B 38 15.86 -9.53 -19.35
C PRO B 38 15.84 -11.05 -19.07
N LEU B 39 15.81 -11.43 -17.80
CA LEU B 39 15.84 -12.76 -17.36
C LEU B 39 14.45 -13.23 -16.89
N GLU B 40 13.95 -14.37 -17.39
CA GLU B 40 12.62 -14.90 -16.97
C GLU B 40 12.87 -16.00 -15.92
N LEU B 41 12.47 -15.73 -14.69
CA LEU B 41 12.63 -16.70 -13.58
C LEU B 41 11.32 -17.37 -13.31
N VAL B 42 11.29 -18.71 -13.36
CA VAL B 42 10.02 -19.46 -13.34
C VAL B 42 9.79 -20.27 -12.06
N SER B 43 10.82 -20.53 -11.33
CA SER B 43 10.73 -21.31 -10.04
C SER B 43 11.92 -21.05 -9.16
N GLY B 44 11.80 -21.31 -7.84
CA GLY B 44 12.93 -21.19 -6.89
C GLY B 44 12.71 -22.09 -5.69
N SER B 45 13.83 -22.39 -4.99
CA SER B 45 13.73 -23.18 -3.78
C SER B 45 14.94 -22.78 -2.88
N GLY B 46 14.65 -22.20 -1.68
CA GLY B 46 15.67 -21.73 -0.78
C GLY B 46 16.50 -20.62 -1.38
N VAL B 47 17.80 -20.84 -1.62
CA VAL B 47 18.69 -19.88 -2.29
C VAL B 47 18.81 -20.09 -3.81
N TRP B 48 18.10 -21.06 -4.37
CA TRP B 48 18.27 -21.41 -5.79
C TRP B 48 17.11 -20.94 -6.67
N LEU B 49 17.43 -20.43 -7.88
CA LEU B 49 16.41 -20.02 -8.87
C LEU B 49 16.65 -20.70 -10.21
N THR B 50 15.59 -20.92 -10.99
CA THR B 50 15.68 -21.50 -12.34
C THR B 50 15.03 -20.59 -13.36
N ASP B 51 15.70 -20.36 -14.51
CA ASP B 51 15.17 -19.59 -15.63
C ASP B 51 14.32 -20.48 -16.62
N ALA B 52 13.66 -19.81 -17.57
CA ALA B 52 12.74 -20.48 -18.51
C ALA B 52 13.47 -21.45 -19.47
N GLN B 53 14.75 -21.31 -19.60
CA GLN B 53 15.62 -22.33 -20.30
C GLN B 53 16.14 -23.46 -19.47
N GLY B 54 15.91 -23.47 -18.15
CA GLY B 54 16.40 -24.47 -17.25
C GLY B 54 17.77 -24.23 -16.56
N LYS B 55 18.40 -23.03 -16.76
CA LYS B 55 19.64 -22.65 -16.08
C LYS B 55 19.36 -22.30 -14.64
N VAL B 56 20.20 -22.82 -13.75
CA VAL B 56 20.07 -22.67 -12.30
C VAL B 56 21.05 -21.61 -11.81
N TYR B 57 20.58 -20.75 -10.90
CA TYR B 57 21.34 -19.66 -10.34
C TYR B 57 21.34 -19.67 -8.78
N LEU B 58 22.48 -19.30 -8.19
CA LEU B 58 22.59 -18.97 -6.75
C LEU B 58 22.13 -17.51 -6.56
N ASP B 59 21.18 -17.30 -5.63
CA ASP B 59 20.66 -15.93 -5.31
C ASP B 59 21.53 -15.20 -4.31
N GLY B 60 22.31 -14.24 -4.83
CA GLY B 60 23.10 -13.33 -4.01
C GLY B 60 22.55 -11.91 -3.93
N TYR B 61 21.21 -11.75 -4.15
CA TYR B 61 20.59 -10.46 -4.29
C TYR B 61 19.27 -10.23 -3.54
N ASN B 62 18.34 -11.19 -3.57
CA ASN B 62 16.97 -10.89 -3.14
C ASN B 62 16.78 -10.92 -1.62
N ASN B 63 16.28 -9.80 -1.06
CA ASN B 63 15.93 -9.74 0.37
C ASN B 63 14.44 -9.94 0.69
N VAL B 64 13.57 -9.82 -0.30
CA VAL B 64 12.13 -10.07 0.00
C VAL B 64 11.85 -11.53 0.46
N PRO B 65 12.40 -12.58 -0.23
CA PRO B 65 12.30 -13.97 0.25
C PRO B 65 13.26 -14.21 1.43
N HIS B 66 13.03 -13.53 2.53
CA HIS B 66 13.90 -13.55 3.74
C HIS B 66 14.21 -14.97 4.22
N VAL B 67 13.22 -15.85 4.24
CA VAL B 67 13.37 -17.23 4.73
C VAL B 67 13.41 -18.27 3.58
N GLY B 68 13.70 -17.79 2.38
CA GLY B 68 13.97 -18.62 1.17
C GLY B 68 12.82 -18.74 0.20
N HIS B 69 13.13 -18.87 -1.11
CA HIS B 69 12.12 -19.09 -2.14
C HIS B 69 11.25 -20.30 -1.81
N ALA B 70 9.93 -20.17 -1.98
CA ALA B 70 8.96 -21.26 -1.80
C ALA B 70 8.98 -21.84 -0.41
N ASN B 71 9.37 -21.08 0.61
CA ASN B 71 9.38 -21.60 1.98
C ASN B 71 8.01 -22.24 2.33
N PRO B 72 8.00 -23.55 2.73
CA PRO B 72 6.72 -24.20 2.86
C PRO B 72 5.96 -23.93 4.14
N ALA B 73 6.64 -23.54 5.20
CA ALA B 73 5.97 -23.10 6.43
C ALA B 73 5.21 -21.78 6.22
N VAL B 74 5.81 -20.84 5.47
CA VAL B 74 5.07 -19.60 5.13
C VAL B 74 3.87 -19.95 4.22
N ALA B 75 4.09 -20.81 3.21
CA ALA B 75 3.01 -21.14 2.29
C ALA B 75 1.81 -21.80 3.03
N ASP B 76 2.12 -22.78 3.90
CA ASP B 76 1.09 -23.44 4.66
C ASP B 76 0.32 -22.52 5.62
N ALA B 77 1.02 -21.63 6.31
CA ALA B 77 0.33 -20.70 7.22
C ALA B 77 -0.70 -19.85 6.43
N ILE B 78 -0.27 -19.37 5.25
CA ILE B 78 -1.19 -18.60 4.38
C ILE B 78 -2.40 -19.40 3.94
N TYR B 79 -2.14 -20.58 3.40
CA TYR B 79 -3.19 -21.43 2.90
C TYR B 79 -4.22 -21.82 3.95
N GLN B 80 -3.70 -22.26 5.14
CA GLN B 80 -4.67 -22.64 6.16
C GLN B 80 -5.59 -21.50 6.64
N GLN B 81 -5.04 -20.28 6.73
CA GLN B 81 -5.87 -19.11 7.03
C GLN B 81 -6.85 -18.74 5.90
N LEU B 82 -6.39 -18.88 4.64
CA LEU B 82 -7.30 -18.67 3.50
C LEU B 82 -8.49 -19.59 3.44
N LEU B 83 -8.39 -20.77 4.07
CA LEU B 83 -9.51 -21.72 4.16
C LEU B 83 -10.34 -21.53 5.43
N THR B 84 -10.06 -20.49 6.22
CA THR B 84 -10.74 -20.15 7.48
C THR B 84 -11.53 -18.88 7.37
N VAL B 85 -10.87 -17.71 7.37
CA VAL B 85 -11.50 -16.40 7.19
C VAL B 85 -10.45 -15.32 6.98
N ASN B 86 -10.83 -14.22 6.33
CA ASN B 86 -9.84 -13.21 5.92
C ASN B 86 -10.41 -11.78 5.90
N LEU B 87 -10.98 -11.34 7.03
CA LEU B 87 -11.61 -10.00 7.09
C LEU B 87 -10.77 -8.93 7.77
N HIS B 88 -11.15 -7.70 7.51
CA HIS B 88 -10.54 -6.48 8.05
C HIS B 88 -10.71 -6.43 9.63
N THR B 89 -9.97 -5.53 10.18
CA THR B 89 -9.84 -5.42 11.67
C THR B 89 -11.02 -4.75 12.39
N ARG B 90 -12.09 -4.40 11.71
CA ARG B 90 -13.33 -3.95 12.39
C ARG B 90 -14.13 -5.10 13.04
N TYR B 91 -13.71 -6.31 12.76
CA TYR B 91 -14.13 -7.48 13.58
C TYR B 91 -12.92 -8.02 14.35
N LEU B 92 -13.07 -8.43 15.62
CA LEU B 92 -11.95 -9.05 16.30
C LEU B 92 -11.56 -10.39 15.68
N ASN B 93 -10.26 -10.67 15.75
CA ASN B 93 -9.71 -11.93 15.28
C ASN B 93 -8.29 -12.11 15.91
N SER B 94 -7.97 -13.34 16.34
CA SER B 94 -6.75 -13.54 17.13
C SER B 94 -5.44 -13.38 16.37
N ARG B 95 -5.46 -13.64 15.05
CA ARG B 95 -4.17 -13.70 14.32
C ARG B 95 -3.35 -12.39 14.36
N VAL B 96 -4.05 -11.26 14.10
CA VAL B 96 -3.39 -9.96 14.15
C VAL B 96 -2.83 -9.58 15.55
N VAL B 97 -3.55 -10.00 16.58
CA VAL B 97 -3.03 -9.76 17.93
C VAL B 97 -1.81 -10.64 18.28
N GLU B 98 -1.89 -11.91 17.90
CA GLU B 98 -0.71 -12.78 18.00
C GLU B 98 0.52 -12.26 17.27
N TYR B 99 0.32 -11.79 16.02
CA TYR B 99 1.42 -11.24 15.30
C TYR B 99 1.96 -9.97 15.95
N ALA B 100 1.08 -9.07 16.37
CA ALA B 100 1.50 -7.80 17.00
C ALA B 100 2.34 -8.09 18.26
N GLU B 101 1.89 -9.06 19.03
CA GLU B 101 2.66 -9.47 20.24
C GLU B 101 4.05 -10.03 19.92
N ALA B 102 4.11 -10.84 18.87
CA ALA B 102 5.39 -11.45 18.44
C ALA B 102 6.35 -10.37 17.94
N LEU B 103 5.86 -9.50 17.06
CA LEU B 103 6.70 -8.49 16.51
C LEU B 103 7.18 -7.48 17.58
N LEU B 104 6.28 -7.06 18.46
CA LEU B 104 6.68 -6.08 19.49
C LEU B 104 7.65 -6.66 20.55
N SER B 105 7.60 -7.97 20.65
CA SER B 105 8.58 -8.67 21.58
C SER B 105 10.02 -8.51 21.08
N LYS B 106 10.21 -8.11 19.81
CA LYS B 106 11.55 -7.90 19.25
C LYS B 106 12.10 -6.45 19.42
N PHE B 107 11.39 -5.64 20.19
CA PHE B 107 11.71 -4.25 20.46
C PHE B 107 11.88 -4.05 21.99
N ASP B 108 12.83 -3.17 22.33
CA ASP B 108 13.01 -2.71 23.71
C ASP B 108 12.60 -1.26 23.91
N GLY B 109 12.62 -0.82 25.17
CA GLY B 109 12.36 0.57 25.46
C GLY B 109 10.91 0.98 25.25
N ALA B 110 10.72 2.18 24.72
CA ALA B 110 9.38 2.76 24.69
C ALA B 110 8.66 2.33 23.35
N LEU B 111 9.33 1.47 22.54
CA LEU B 111 8.71 1.00 21.23
C LEU B 111 7.79 -0.16 21.55
N GLU B 112 6.52 0.17 21.81
CA GLU B 112 5.53 -0.77 22.28
C GLU B 112 4.15 -0.75 21.66
N ARG B 113 3.96 -0.04 20.57
CA ARG B 113 2.68 -0.05 19.82
C ARG B 113 2.98 -0.14 18.29
N LEU B 114 1.93 -0.48 17.53
CA LEU B 114 2.10 -0.82 16.06
C LEU B 114 0.94 -0.31 15.24
N PHE B 115 1.29 0.26 14.05
CA PHE B 115 0.37 0.41 12.93
C PHE B 115 0.82 -0.57 11.82
N LEU B 116 -0.07 -1.44 11.35
CA LEU B 116 0.23 -2.30 10.20
C LEU B 116 -0.15 -1.56 8.88
N THR B 117 0.65 -1.89 7.84
CA THR B 117 0.40 -1.37 6.44
C THR B 117 0.60 -2.54 5.43
N ASN B 118 0.55 -2.26 4.12
CA ASN B 118 0.78 -3.29 3.10
C ASN B 118 2.08 -3.11 2.26
N SER B 119 2.91 -2.12 2.58
CA SER B 119 4.13 -1.86 1.87
C SER B 119 5.07 -0.94 2.72
N GLY B 120 6.34 -0.94 2.34
CA GLY B 120 7.30 0.02 2.93
C GLY B 120 7.03 1.47 2.64
N SER B 121 6.53 1.78 1.41
CA SER B 121 6.11 3.12 1.09
C SER B 121 4.91 3.58 1.97
N GLU B 122 3.91 2.68 2.16
CA GLU B 122 2.81 3.04 3.01
C GLU B 122 3.31 3.34 4.48
N ALA B 123 4.29 2.55 4.92
CA ALA B 123 4.84 2.76 6.32
C ALA B 123 5.58 4.11 6.44
N ASN B 124 6.44 4.44 5.47
CA ASN B 124 7.17 5.69 5.54
C ASN B 124 6.22 6.91 5.34
N GLU B 125 5.20 6.77 4.46
CA GLU B 125 4.20 7.85 4.30
C GLU B 125 3.50 8.13 5.66
N LEU B 126 3.05 7.09 6.33
CA LEU B 126 2.33 7.20 7.59
C LEU B 126 3.31 7.77 8.72
N ALA B 127 4.54 7.28 8.76
CA ALA B 127 5.50 7.81 9.77
C ALA B 127 5.74 9.33 9.58
N LEU B 128 5.90 9.83 8.34
CA LEU B 128 6.05 11.24 8.12
C LEU B 128 4.84 12.01 8.52
N ARG B 129 3.63 11.43 8.34
CA ARG B 129 2.32 12.07 8.67
C ARG B 129 2.15 12.21 10.23
N ILE B 130 2.44 11.11 10.94
CA ILE B 130 2.43 11.12 12.43
C ILE B 130 3.41 12.21 12.88
N ALA B 131 4.63 12.27 12.32
CA ALA B 131 5.60 13.25 12.80
C ALA B 131 5.21 14.68 12.54
N ARG B 132 4.69 14.97 11.33
CA ARG B 132 4.28 16.35 10.96
C ARG B 132 3.19 16.83 11.93
N GLN B 133 2.20 15.98 12.24
CA GLN B 133 1.09 16.38 13.14
C GLN B 133 1.60 16.55 14.58
N HIS B 134 2.47 15.67 15.01
CA HIS B 134 2.95 15.72 16.44
C HIS B 134 3.86 16.94 16.68
N THR B 135 4.74 17.21 15.76
CA THR B 135 5.75 18.30 15.89
C THR B 135 5.23 19.67 15.60
N GLY B 136 4.19 19.79 14.78
CA GLY B 136 3.74 21.08 14.26
C GLY B 136 4.72 21.73 13.29
N ASN B 137 5.72 20.95 12.86
CA ASN B 137 6.75 21.36 11.93
C ASN B 137 6.67 20.53 10.59
N THR B 138 7.28 21.02 9.52
CA THR B 138 7.25 20.30 8.24
C THR B 138 8.67 19.89 7.77
N GLY B 139 9.77 20.46 8.33
CA GLY B 139 11.09 20.17 7.79
C GLY B 139 11.59 18.74 7.85
N VAL B 140 12.27 18.27 6.78
CA VAL B 140 12.80 16.87 6.71
C VAL B 140 14.29 16.91 6.44
N LEU B 141 15.06 16.20 7.29
CA LEU B 141 16.46 15.96 7.03
C LEU B 141 16.60 14.53 6.49
N VAL B 142 17.22 14.38 5.29
CA VAL B 142 17.49 13.08 4.65
C VAL B 142 18.93 13.04 4.13
N SER B 143 19.47 11.87 3.78
CA SER B 143 20.74 11.81 3.04
C SER B 143 20.64 12.36 1.65
N ASP B 144 21.71 12.85 1.07
CA ASP B 144 21.81 13.30 -0.32
C ASP B 144 21.89 12.22 -1.33
N PHE B 145 21.77 10.95 -0.98
CA PHE B 145 21.61 9.90 -2.00
C PHE B 145 20.83 8.70 -1.43
N SER B 146 19.52 8.99 -1.22
CA SER B 146 18.65 8.04 -0.50
C SER B 146 17.32 7.79 -1.31
N TYR B 147 16.62 6.78 -0.89
CA TYR B 147 15.28 6.44 -1.43
C TYR B 147 14.43 5.71 -0.39
N HIS B 148 13.27 6.26 -0.10
CA HIS B 148 12.36 5.83 0.98
C HIS B 148 10.94 5.50 0.52
N GLY B 149 10.68 5.55 -0.82
CA GLY B 149 9.37 5.13 -1.31
C GLY B 149 8.80 6.06 -2.37
N ASN B 150 7.56 5.78 -2.78
CA ASN B 150 7.04 6.21 -4.08
C ASN B 150 5.72 7.03 -4.05
N THR B 151 5.32 7.53 -2.89
CA THR B 151 4.19 8.45 -2.78
C THR B 151 4.58 9.91 -3.14
N THR B 152 3.58 10.83 -3.17
CA THR B 152 3.95 12.22 -3.42
C THR B 152 4.88 12.77 -2.31
N SER B 153 4.53 12.54 -1.04
CA SER B 153 5.33 13.18 0.06
C SER B 153 6.76 12.59 0.02
N LEU B 154 6.91 11.31 -0.35
CA LEU B 154 8.26 10.69 -0.48
C LEU B 154 8.99 11.14 -1.71
N ALA B 155 8.28 11.36 -2.78
CA ALA B 155 8.98 11.86 -4.02
C ALA B 155 9.62 13.21 -3.76
N GLU B 156 8.93 14.06 -2.99
CA GLU B 156 9.41 15.44 -2.70
C GLU B 156 10.70 15.45 -1.85
N ILE B 157 11.08 14.33 -1.24
CA ILE B 157 12.32 14.24 -0.41
C ILE B 157 13.37 13.34 -1.09
N THR B 158 13.10 12.75 -2.27
CA THR B 158 13.95 11.75 -2.86
C THR B 158 15.19 12.35 -3.54
N THR B 159 16.36 11.83 -3.19
CA THR B 159 17.64 12.29 -3.71
C THR B 159 18.45 11.24 -4.50
N GLY B 160 18.17 9.96 -4.34
CA GLY B 160 18.96 8.86 -4.92
C GLY B 160 18.39 8.17 -6.16
N LEU B 161 17.27 8.70 -6.67
CA LEU B 161 16.60 8.13 -7.83
C LEU B 161 15.92 9.32 -8.56
N THR B 162 15.64 9.17 -9.89
CA THR B 162 15.08 10.26 -10.65
C THR B 162 13.54 10.36 -10.46
N VAL B 163 13.08 11.54 -10.06
CA VAL B 163 11.61 11.90 -9.99
C VAL B 163 11.42 13.23 -10.69
N HIS B 164 10.19 13.44 -11.14
CA HIS B 164 9.85 14.74 -11.79
C HIS B 164 9.75 15.88 -10.78
N GLU B 165 9.31 15.58 -9.55
CA GLU B 165 9.14 16.60 -8.47
C GLU B 165 10.50 17.25 -8.11
N PRO B 166 10.57 18.59 -8.14
CA PRO B 166 11.79 19.23 -7.58
C PRO B 166 11.89 18.86 -6.08
N LEU B 167 13.12 18.85 -5.55
CA LEU B 167 13.29 18.64 -4.09
C LEU B 167 12.47 19.71 -3.34
N GLY B 168 11.70 19.32 -2.35
CA GLY B 168 10.83 20.22 -1.65
C GLY B 168 11.63 21.37 -0.90
N ALA B 169 11.02 22.54 -0.79
CA ALA B 169 11.64 23.67 -0.05
C ALA B 169 11.75 23.36 1.44
N HIS B 170 10.98 22.42 1.90
CA HIS B 170 11.02 21.90 3.32
C HIS B 170 12.05 20.81 3.57
N VAL B 171 12.93 20.50 2.61
CA VAL B 171 13.86 19.41 2.73
C VAL B 171 15.32 19.94 2.74
N ARG B 172 16.18 19.36 3.59
CA ARG B 172 17.64 19.59 3.49
C ARG B 172 18.29 18.24 3.39
N ALA B 173 19.10 18.10 2.33
CA ALA B 173 19.87 16.88 2.06
C ALA B 173 21.28 16.96 2.69
N LEU B 174 21.64 15.91 3.40
CA LEU B 174 22.94 15.85 4.16
C LEU B 174 23.92 14.93 3.40
N ARG B 175 25.23 15.31 3.41
CA ARG B 175 26.29 14.39 3.02
C ARG B 175 26.71 13.57 4.20
N ILE B 176 26.27 12.30 4.25
CA ILE B 176 26.46 11.48 5.42
C ILE B 176 27.96 11.10 5.35
N PRO B 177 28.68 11.24 6.54
CA PRO B 177 30.13 10.94 6.48
C PRO B 177 30.51 9.48 6.38
N ASP B 178 31.59 9.21 5.62
CA ASP B 178 32.12 7.86 5.40
C ASP B 178 33.64 7.82 5.74
N VAL B 179 33.97 6.96 6.67
CA VAL B 179 35.45 6.88 7.09
C VAL B 179 36.26 5.91 6.18
N SER B 180 35.61 5.19 5.24
CA SER B 180 36.28 4.22 4.38
C SER B 180 37.46 4.85 3.69
N GLY B 181 38.63 4.23 3.86
CA GLY B 181 39.83 4.77 3.24
C GLY B 181 40.43 6.07 3.80
N ILE B 182 39.93 6.59 4.92
CA ILE B 182 40.39 7.85 5.53
C ILE B 182 41.35 7.50 6.70
N ALA B 183 42.43 8.26 6.84
CA ALA B 183 43.40 8.06 7.98
C ALA B 183 42.65 8.26 9.27
N GLU B 184 42.92 7.42 10.31
CA GLU B 184 42.26 7.60 11.57
C GLU B 184 42.40 9.01 12.21
N VAL B 185 43.57 9.64 12.02
CA VAL B 185 43.79 10.95 12.56
C VAL B 185 42.83 12.03 12.02
N ASP B 186 42.31 11.80 10.78
CA ASP B 186 41.37 12.71 10.12
C ASP B 186 39.90 12.47 10.45
N VAL B 187 39.57 11.38 11.13
CA VAL B 187 38.16 11.03 11.43
C VAL B 187 37.49 12.08 12.33
N PRO B 188 38.15 12.55 13.45
CA PRO B 188 37.42 13.48 14.32
C PRO B 188 37.09 14.76 13.66
N VAL B 189 37.90 15.26 12.73
CA VAL B 189 37.58 16.47 12.00
C VAL B 189 36.39 16.23 10.99
N LEU B 190 36.39 15.09 10.32
CA LEU B 190 35.25 14.73 9.44
C LEU B 190 33.95 14.73 10.27
N LEU B 191 33.97 14.17 11.47
CA LEU B 191 32.79 14.14 12.32
C LEU B 191 32.35 15.55 12.70
N GLU B 192 33.30 16.39 13.12
CA GLU B 192 33.01 17.76 13.51
C GLU B 192 32.40 18.57 12.39
N GLN B 193 32.94 18.50 11.18
CA GLN B 193 32.45 19.28 10.06
C GLN B 193 31.02 18.77 9.66
N SER B 194 30.85 17.44 9.69
CA SER B 194 29.51 16.83 9.32
C SER B 194 28.43 17.29 10.30
N LEU B 195 28.73 17.37 11.60
CA LEU B 195 27.76 17.84 12.60
C LEU B 195 27.49 19.36 12.50
N ALA B 196 28.49 20.14 12.15
CA ALA B 196 28.27 21.56 11.79
C ALA B 196 27.35 21.76 10.57
N ASP B 197 27.48 20.91 9.54
CA ASP B 197 26.55 20.91 8.41
C ASP B 197 25.05 20.60 8.87
N VAL B 198 24.88 19.68 9.84
CA VAL B 198 23.60 19.40 10.45
C VAL B 198 23.04 20.70 11.12
N ASP B 199 23.89 21.41 11.93
CA ASP B 199 23.42 22.62 12.59
C ASP B 199 22.98 23.61 11.55
N ALA B 200 23.73 23.75 10.44
CA ALA B 200 23.40 24.73 9.41
C ALA B 200 22.06 24.40 8.66
N ALA B 201 21.87 23.11 8.38
CA ALA B 201 20.57 22.65 7.80
C ALA B 201 19.42 22.98 8.70
N ILE B 202 19.53 22.69 10.01
CA ILE B 202 18.48 22.95 10.99
C ILE B 202 18.15 24.47 11.08
N ALA B 203 19.24 25.29 11.16
CA ALA B 203 19.04 26.71 11.26
C ALA B 203 18.37 27.28 10.01
N SER B 204 18.67 26.73 8.82
CA SER B 204 18.06 27.16 7.55
C SER B 204 16.58 26.78 7.55
N LEU B 205 16.26 25.56 7.98
CA LEU B 205 14.83 25.18 8.04
C LEU B 205 13.99 26.03 9.02
N GLN B 206 14.62 26.43 10.15
CA GLN B 206 13.95 27.35 11.10
C GLN B 206 13.78 28.74 10.55
N ALA B 207 14.81 29.28 9.88
CA ALA B 207 14.71 30.63 9.32
C ALA B 207 13.62 30.75 8.26
N ALA B 208 13.46 29.68 7.46
CA ALA B 208 12.47 29.66 6.35
C ALA B 208 11.04 29.22 6.85
N GLY B 209 10.85 28.99 8.14
CA GLY B 209 9.55 28.79 8.75
C GLY B 209 9.04 27.35 8.70
N HIS B 210 9.90 26.40 8.27
CA HIS B 210 9.45 24.98 8.27
C HIS B 210 9.64 24.32 9.63
N GLY B 211 10.67 24.70 10.43
CA GLY B 211 11.06 23.98 11.60
C GLY B 211 11.58 22.58 11.24
N VAL B 212 11.78 21.76 12.25
CA VAL B 212 12.27 20.41 12.01
C VAL B 212 11.23 19.41 12.47
N SER B 213 10.65 18.62 11.49
CA SER B 213 9.79 17.49 11.80
C SER B 213 10.56 16.17 12.10
N VAL B 214 11.42 15.79 11.17
CA VAL B 214 12.13 14.48 11.25
C VAL B 214 13.53 14.48 10.67
N PHE B 215 14.33 13.52 11.17
CA PHE B 215 15.49 12.95 10.46
C PHE B 215 15.09 11.48 10.15
N LEU B 216 15.17 11.13 8.86
CA LEU B 216 14.82 9.81 8.29
C LEU B 216 16.05 9.16 7.66
N PHE B 217 16.37 7.93 8.02
CA PHE B 217 17.61 7.26 7.56
C PHE B 217 17.44 5.73 7.54
N ASP B 218 18.19 5.16 6.57
CA ASP B 218 18.52 3.72 6.47
C ASP B 218 19.80 3.46 7.27
N PRO B 219 19.73 2.70 8.38
CA PRO B 219 21.01 2.48 9.20
C PRO B 219 22.16 1.93 8.46
N LEU B 220 21.98 1.12 7.40
CA LEU B 220 23.12 0.60 6.54
C LEU B 220 23.55 1.56 5.45
N PHE B 221 22.83 2.67 5.26
CA PHE B 221 23.17 3.60 4.22
C PHE B 221 23.56 2.88 2.93
N SER B 222 22.63 2.05 2.45
CA SER B 222 22.91 1.11 1.34
C SER B 222 22.83 1.79 0.00
N THR B 223 21.78 2.55 -0.31
CA THR B 223 21.65 3.33 -1.57
C THR B 223 22.84 4.27 -1.78
N GLU B 224 23.34 4.81 -0.67
CA GLU B 224 24.51 5.74 -0.63
C GLU B 224 25.89 5.08 -0.92
N GLY B 225 25.95 3.78 -0.93
CA GLY B 225 27.19 2.98 -1.20
C GLY B 225 27.72 2.28 0.02
N LEU B 226 26.88 1.90 0.98
CA LEU B 226 27.20 1.13 2.16
C LEU B 226 28.33 1.82 3.01
N LEU B 227 27.97 2.96 3.50
CA LEU B 227 28.87 3.90 4.25
C LEU B 227 29.22 3.36 5.60
N GLN B 228 30.49 3.65 6.01
CA GLN B 228 30.92 3.32 7.39
C GLN B 228 31.04 4.66 8.17
N LEU B 229 30.12 4.89 9.09
CA LEU B 229 30.03 6.16 9.74
C LEU B 229 31.06 6.29 10.89
N PRO B 230 31.52 7.53 11.11
CA PRO B 230 32.26 7.76 12.41
C PRO B 230 31.38 7.57 13.62
N SER B 231 31.92 7.03 14.70
CA SER B 231 31.20 6.92 15.97
C SER B 231 30.77 8.31 16.47
N GLY B 232 29.50 8.45 16.92
CA GLY B 232 28.97 9.67 17.38
C GLY B 232 28.13 10.52 16.42
N TYR B 233 28.17 10.19 15.13
CA TYR B 233 27.36 10.97 14.17
C TYR B 233 25.82 10.82 14.36
N ILE B 234 25.36 9.56 14.39
CA ILE B 234 23.86 9.37 14.55
C ILE B 234 23.37 9.93 15.90
N GLU B 235 24.12 9.66 16.98
CA GLU B 235 23.76 10.23 18.27
C GLU B 235 23.75 11.73 18.24
N GLY B 236 24.73 12.36 17.61
CA GLY B 236 24.76 13.78 17.45
C GLY B 236 23.61 14.43 16.67
N VAL B 237 23.24 13.71 15.61
CA VAL B 237 22.10 14.17 14.79
C VAL B 237 20.82 14.04 15.63
N ALA B 238 20.61 12.93 16.33
CA ALA B 238 19.43 12.78 17.18
C ALA B 238 19.32 13.91 18.24
N THR B 239 20.46 14.20 18.90
CA THR B 239 20.38 15.26 19.90
C THR B 239 19.96 16.63 19.32
N ARG B 240 20.53 17.01 18.16
CA ARG B 240 20.25 18.28 17.51
C ARG B 240 18.79 18.33 17.02
N VAL B 241 18.35 17.21 16.42
CA VAL B 241 16.91 17.16 15.93
C VAL B 241 15.91 17.29 17.07
N ARG B 242 16.15 16.56 18.18
CA ARG B 242 15.30 16.69 19.38
C ARG B 242 15.32 18.10 20.06
N ALA B 243 16.48 18.77 20.02
CA ALA B 243 16.53 20.17 20.55
C ALA B 243 15.72 21.10 19.72
N ALA B 244 15.60 20.77 18.43
CA ALA B 244 14.75 21.51 17.51
C ALA B 244 13.24 21.08 17.52
N GLY B 245 12.83 20.15 18.36
CA GLY B 245 11.39 19.80 18.39
C GLY B 245 11.01 18.65 17.41
N GLY B 246 12.00 17.99 16.82
CA GLY B 246 11.77 16.92 15.84
C GLY B 246 11.91 15.52 16.38
N LEU B 247 11.65 14.51 15.52
CA LEU B 247 11.67 13.08 15.80
C LEU B 247 12.65 12.36 14.90
N VAL B 248 13.04 11.15 15.29
CA VAL B 248 13.94 10.32 14.49
C VAL B 248 13.16 9.09 14.00
N ILE B 249 13.19 8.84 12.66
CA ILE B 249 12.61 7.63 12.05
C ILE B 249 13.78 6.71 11.50
N SER B 250 13.84 5.48 11.96
CA SER B 250 14.73 4.49 11.38
C SER B 250 13.93 3.68 10.35
N ASP B 251 14.33 3.79 9.07
CA ASP B 251 13.73 2.97 7.97
C ASP B 251 14.51 1.64 7.95
N GLU B 252 13.88 0.57 8.41
CA GLU B 252 14.43 -0.74 8.53
C GLU B 252 14.10 -1.69 7.34
N VAL B 253 13.71 -1.11 6.21
CA VAL B 253 13.35 -1.98 5.07
C VAL B 253 14.57 -2.77 4.61
N GLN B 254 15.74 -2.17 4.48
CA GLN B 254 16.99 -2.87 4.10
C GLN B 254 17.75 -3.52 5.28
N SER B 255 17.66 -2.92 6.49
CA SER B 255 18.58 -3.35 7.58
C SER B 255 17.90 -4.18 8.64
N GLY B 256 16.57 -4.32 8.59
CA GLY B 256 15.85 -5.07 9.63
C GLY B 256 15.80 -6.60 9.55
N PHE B 257 15.09 -7.20 10.51
CA PHE B 257 14.87 -8.63 10.54
C PHE B 257 16.20 -9.43 10.56
N GLY B 258 17.15 -8.85 11.28
CA GLY B 258 18.40 -9.59 11.53
C GLY B 258 19.45 -9.59 10.42
N ARG B 259 19.21 -8.85 9.37
CA ARG B 259 20.13 -8.75 8.20
C ARG B 259 21.57 -8.41 8.63
N THR B 260 21.71 -7.53 9.65
CA THR B 260 23.06 -7.08 10.09
C THR B 260 23.74 -8.12 10.99
N GLY B 261 23.03 -9.15 11.46
CA GLY B 261 23.67 -10.21 12.29
C GLY B 261 23.80 -9.81 13.76
N SER B 262 24.32 -8.59 14.01
CA SER B 262 24.66 -8.17 15.40
C SER B 262 23.46 -7.67 16.21
N GLY B 263 22.35 -7.40 15.52
CA GLY B 263 21.06 -7.02 16.19
C GLY B 263 19.88 -7.21 15.26
N MET B 264 18.71 -7.26 15.83
CA MET B 264 17.48 -7.44 15.03
C MET B 264 17.25 -6.24 14.07
N TRP B 265 17.49 -5.05 14.60
CA TRP B 265 17.25 -3.79 13.88
C TRP B 265 18.55 -3.07 13.60
N GLY B 266 18.74 -2.48 12.43
CA GLY B 266 19.91 -1.73 12.11
C GLY B 266 20.20 -0.56 13.04
N TYR B 267 19.18 0.07 13.61
CA TYR B 267 19.41 1.24 14.51
C TYR B 267 20.25 0.80 15.78
N GLN B 268 20.26 -0.49 16.07
CA GLN B 268 20.98 -0.99 17.24
C GLN B 268 22.47 -0.90 17.01
N MET B 269 22.96 -0.64 15.80
CA MET B 269 24.40 -0.39 15.56
C MET B 269 24.85 0.95 16.16
N PHE B 270 23.94 1.86 16.48
CA PHE B 270 24.18 3.21 16.94
C PHE B 270 23.63 3.40 18.31
N ASN B 271 24.09 4.46 18.98
CA ASN B 271 23.59 4.79 20.31
C ASN B 271 22.34 5.71 20.17
N VAL B 272 21.22 5.06 19.75
CA VAL B 272 19.96 5.79 19.47
C VAL B 272 18.78 4.84 19.72
N GLU B 273 17.69 5.44 20.22
CA GLU B 273 16.41 4.74 20.28
C GLU B 273 15.48 5.69 19.52
N PRO B 274 15.08 5.29 18.27
CA PRO B 274 14.12 6.14 17.53
C PRO B 274 12.73 6.14 18.13
N GLU B 275 11.99 7.18 17.82
CA GLU B 275 10.54 7.31 18.21
C GLU B 275 9.62 6.51 17.23
N LEU B 276 10.13 6.32 16.01
CA LEU B 276 9.40 5.67 14.89
C LEU B 276 10.35 4.75 14.15
N VAL B 277 9.85 3.56 13.85
CA VAL B 277 10.57 2.55 13.09
C VAL B 277 9.69 2.04 11.96
N THR B 278 10.17 2.10 10.71
CA THR B 278 9.35 1.57 9.59
C THR B 278 9.96 0.31 8.98
N MET B 279 9.14 -0.55 8.32
CA MET B 279 9.59 -1.85 7.84
C MET B 279 8.72 -2.27 6.64
N GLY B 280 9.24 -3.24 5.88
CA GLY B 280 8.56 -3.77 4.68
C GLY B 280 9.34 -5.00 4.15
N LYS B 281 9.68 -4.94 2.85
CA LYS B 281 10.36 -6.01 2.07
C LYS B 281 10.38 -7.43 2.65
N PRO B 282 11.40 -7.84 3.46
CA PRO B 282 11.34 -9.18 3.99
C PRO B 282 10.14 -9.70 4.82
N MET B 283 9.35 -8.80 5.41
CA MET B 283 8.51 -9.12 6.57
C MET B 283 7.56 -10.28 6.43
N GLY B 284 7.01 -10.44 5.19
CA GLY B 284 6.13 -11.55 4.82
C GLY B 284 6.61 -12.55 3.76
N ASN B 285 7.95 -12.56 3.58
CA ASN B 285 8.62 -13.43 2.58
C ASN B 285 8.16 -13.16 1.15
N GLY B 286 7.55 -12.00 0.93
CA GLY B 286 6.96 -11.68 -0.38
C GLY B 286 5.48 -11.30 -0.36
N HIS B 287 4.79 -11.58 0.72
CA HIS B 287 3.42 -11.09 0.95
C HIS B 287 3.48 -9.57 1.17
N PRO B 288 2.46 -8.83 0.68
CA PRO B 288 2.56 -7.37 0.87
C PRO B 288 2.19 -6.99 2.34
N ILE B 289 3.24 -6.65 3.10
CA ILE B 289 3.12 -6.24 4.50
C ILE B 289 4.17 -5.15 4.77
N GLY B 290 3.77 -4.13 5.57
CA GLY B 290 4.70 -3.17 6.12
C GLY B 290 4.25 -2.86 7.56
N ALA B 291 5.04 -2.01 8.26
CA ALA B 291 4.61 -1.53 9.59
C ALA B 291 5.31 -0.27 10.07
N VAL B 292 4.63 0.45 10.97
CA VAL B 292 5.22 1.55 11.78
C VAL B 292 5.14 1.09 13.26
N VAL B 293 6.32 0.94 13.86
CA VAL B 293 6.39 0.67 15.33
C VAL B 293 6.77 1.98 16.06
N THR B 294 6.02 2.29 17.13
CA THR B 294 6.14 3.59 17.80
C THR B 294 5.82 3.49 19.31
N THR B 295 5.74 4.64 19.94
CA THR B 295 5.47 4.73 21.39
C THR B 295 3.97 4.76 21.69
N ALA B 296 3.58 4.41 22.92
CA ALA B 296 2.20 4.56 23.32
C ALA B 296 1.68 5.98 23.17
N GLU B 297 2.43 6.97 23.59
CA GLU B 297 2.02 8.36 23.46
C GLU B 297 1.74 8.74 22.00
N LEU B 298 2.62 8.38 21.09
CA LEU B 298 2.47 8.81 19.66
C LEU B 298 1.29 8.09 18.99
N LEU B 299 1.13 6.79 19.28
CA LEU B 299 -0.05 6.05 18.68
C LEU B 299 -1.37 6.63 19.20
N ASP B 300 -1.44 6.85 20.54
CA ASP B 300 -2.69 7.34 21.13
C ASP B 300 -3.07 8.73 20.63
N GLU B 301 -2.08 9.63 20.52
CA GLU B 301 -2.30 10.99 20.03
C GLU B 301 -2.88 10.97 18.57
N PHE B 302 -2.22 10.19 17.71
CA PHE B 302 -2.62 10.19 16.29
C PHE B 302 -4.04 9.60 16.18
N GLY B 303 -4.41 8.54 16.98
CA GLY B 303 -5.79 7.98 16.91
C GLY B 303 -6.85 8.89 17.47
N ARG B 304 -6.48 9.76 18.45
CA ARG B 304 -7.46 10.74 18.97
C ARG B 304 -7.77 11.76 17.95
N HIS B 305 -6.82 12.03 17.05
CA HIS B 305 -6.89 13.14 16.09
C HIS B 305 -7.32 12.76 14.68
N ASN B 306 -7.38 11.44 14.39
CA ASN B 306 -7.69 11.02 13.01
C ASN B 306 -8.48 9.69 13.06
N MET B 307 -9.51 9.57 12.22
CA MET B 307 -10.20 8.24 12.04
C MET B 307 -9.35 7.44 10.99
N PHE B 308 -8.19 6.98 11.41
CA PHE B 308 -7.22 6.29 10.55
C PHE B 308 -7.57 4.82 10.39
N PHE B 309 -7.66 4.35 9.14
CA PHE B 309 -7.96 2.95 8.84
C PHE B 309 -7.37 2.58 7.48
N ASN B 310 -6.81 1.38 7.40
CA ASN B 310 -6.16 0.77 6.19
C ASN B 310 -6.88 -0.55 6.01
N THR B 311 -7.65 -0.74 4.94
CA THR B 311 -8.59 -1.90 4.85
C THR B 311 -7.89 -3.26 4.88
N PHE B 312 -6.83 -3.39 4.13
CA PHE B 312 -6.10 -4.68 4.06
C PHE B 312 -5.13 -4.89 5.23
N ALA B 313 -4.70 -3.85 5.94
CA ALA B 313 -3.65 -4.01 6.95
C ALA B 313 -4.16 -4.93 8.06
N GLY B 314 -3.31 -5.80 8.52
CA GLY B 314 -3.68 -6.63 9.70
C GLY B 314 -4.76 -7.65 9.47
N ASN B 315 -5.08 -7.98 8.22
CA ASN B 315 -6.00 -9.09 7.92
C ASN B 315 -5.36 -10.41 8.45
N PRO B 316 -6.18 -11.43 8.69
CA PRO B 316 -5.64 -12.66 9.29
C PRO B 316 -4.60 -13.37 8.43
N VAL B 317 -4.73 -13.32 7.09
CA VAL B 317 -3.74 -14.00 6.23
C VAL B 317 -2.37 -13.32 6.22
N SER B 318 -2.36 -11.99 6.08
CA SER B 318 -1.11 -11.20 6.25
C SER B 318 -0.45 -11.42 7.60
N SER B 319 -1.29 -11.49 8.63
CA SER B 319 -0.78 -11.76 9.99
C SER B 319 -0.18 -13.18 10.12
N ALA B 320 -0.82 -14.19 9.53
CA ALA B 320 -0.28 -15.56 9.50
C ALA B 320 1.06 -15.58 8.81
N ALA B 321 1.18 -14.89 7.66
CA ALA B 321 2.46 -14.86 6.94
C ALA B 321 3.57 -14.26 7.76
N GLY B 322 3.33 -13.10 8.35
CA GLY B 322 4.33 -12.45 9.22
C GLY B 322 4.70 -13.28 10.44
N LEU B 323 3.74 -13.97 11.03
CA LEU B 323 4.04 -14.84 12.21
C LEU B 323 4.95 -16.00 11.73
N ALA B 324 4.66 -16.61 10.58
CA ALA B 324 5.48 -17.76 10.08
C ALA B 324 6.92 -17.31 9.78
N VAL B 325 7.14 -16.11 9.23
CA VAL B 325 8.48 -15.60 9.02
C VAL B 325 9.29 -15.47 10.37
N LEU B 326 8.67 -14.83 11.37
CA LEU B 326 9.36 -14.69 12.70
C LEU B 326 9.62 -16.06 13.35
N ARG B 327 8.65 -16.95 13.30
CA ARG B 327 8.78 -18.31 13.91
C ARG B 327 9.90 -19.09 13.22
N TYR B 328 9.97 -19.05 11.89
CA TYR B 328 11.00 -19.74 11.16
C TYR B 328 12.40 -19.16 11.44
N MET B 329 12.59 -17.85 11.40
CA MET B 329 13.89 -17.23 11.69
C MET B 329 14.32 -17.55 13.13
N ASP B 330 13.39 -17.64 14.11
CA ASP B 330 13.77 -17.97 15.51
C ASP B 330 14.17 -19.46 15.58
N GLN B 331 13.38 -20.36 15.04
CA GLN B 331 13.65 -21.83 15.11
C GLN B 331 14.95 -22.20 14.45
N GLU B 332 15.29 -21.58 13.31
CA GLU B 332 16.52 -21.89 12.56
C GLU B 332 17.73 -21.05 12.97
N ASP B 333 17.59 -20.15 13.96
CA ASP B 333 18.71 -19.34 14.50
C ASP B 333 19.37 -18.46 13.48
N LEU B 334 18.52 -17.91 12.54
CA LEU B 334 19.14 -17.25 11.36
C LEU B 334 19.96 -16.01 11.63
N MET B 335 19.57 -15.22 12.61
CA MET B 335 20.29 -13.95 12.89
C MET B 335 21.75 -14.25 13.42
N ALA B 336 21.80 -15.19 14.41
CA ALA B 336 23.11 -15.60 14.96
C ALA B 336 23.98 -16.22 13.85
N LYS B 337 23.40 -17.05 12.96
CA LYS B 337 24.12 -17.62 11.85
C LYS B 337 24.68 -16.54 10.93
N ALA B 338 23.84 -15.52 10.59
CA ALA B 338 24.28 -14.45 9.74
C ALA B 338 25.47 -13.65 10.37
N ASP B 339 25.43 -13.44 11.69
CA ASP B 339 26.50 -12.77 12.42
C ASP B 339 27.85 -13.56 12.22
N GLN B 340 27.80 -14.85 12.42
CA GLN B 340 29.01 -15.77 12.28
C GLN B 340 29.49 -15.82 10.87
N LEU B 341 28.56 -15.98 9.90
CA LEU B 341 28.95 -16.12 8.53
C LEU B 341 29.52 -14.81 8.00
N GLY B 342 28.94 -13.67 8.42
CA GLY B 342 29.44 -12.39 7.98
C GLY B 342 30.94 -12.19 8.34
N LYS B 343 31.32 -12.72 9.50
CA LYS B 343 32.75 -12.62 9.92
C LYS B 343 33.67 -13.36 8.95
N TYR B 344 33.25 -14.55 8.54
CA TYR B 344 33.93 -15.31 7.49
C TYR B 344 33.98 -14.60 6.14
N ILE B 345 32.82 -14.07 5.68
CA ILE B 345 32.82 -13.42 4.37
C ILE B 345 33.72 -12.20 4.37
N ARG B 346 33.70 -11.42 5.45
CA ARG B 346 34.57 -10.25 5.56
C ARG B 346 36.06 -10.60 5.42
N LYS B 347 36.48 -11.65 6.08
CA LYS B 347 37.90 -12.13 5.92
C LYS B 347 38.21 -12.52 4.50
N ARG B 348 37.31 -13.26 3.85
CA ARG B 348 37.53 -13.68 2.49
C ARG B 348 37.61 -12.51 1.54
N LEU B 349 36.68 -11.54 1.67
CA LEU B 349 36.70 -10.33 0.83
C LEU B 349 37.94 -9.45 1.10
N GLU B 350 38.33 -9.27 2.35
CA GLU B 350 39.60 -8.58 2.61
C GLU B 350 40.85 -9.27 1.92
N ASN B 351 40.91 -10.60 1.92
CA ASN B 351 41.97 -11.31 1.13
C ASN B 351 41.88 -11.04 -0.36
N ILE B 352 40.68 -11.07 -0.90
CA ILE B 352 40.44 -10.74 -2.30
C ILE B 352 40.85 -9.30 -2.64
N ALA B 353 40.56 -8.34 -1.75
CA ALA B 353 40.90 -6.95 -1.98
C ALA B 353 42.43 -6.74 -1.99
N GLN B 354 43.13 -7.42 -1.09
CA GLN B 354 44.63 -7.41 -1.04
C GLN B 354 45.22 -7.94 -2.37
N ARG B 355 44.61 -8.96 -2.99
CA ARG B 355 45.07 -9.54 -4.25
C ARG B 355 44.59 -8.87 -5.57
N SER B 356 43.50 -8.10 -5.57
CA SER B 356 43.06 -7.43 -6.83
C SER B 356 43.30 -5.93 -6.85
N GLY B 357 43.99 -5.44 -7.88
CA GLY B 357 44.11 -4.01 -8.11
C GLY B 357 42.81 -3.29 -8.53
N ASN B 358 41.75 -4.09 -8.82
CA ASN B 358 40.44 -3.50 -9.13
C ASN B 358 39.46 -3.48 -7.93
N VAL B 359 39.92 -3.84 -6.73
CA VAL B 359 39.07 -3.77 -5.50
C VAL B 359 39.61 -2.78 -4.47
N GLY B 360 38.73 -1.90 -3.97
CA GLY B 360 39.00 -0.92 -2.91
C GLY B 360 38.57 -1.38 -1.51
N SER B 361 37.66 -0.66 -0.84
CA SER B 361 37.24 -0.97 0.53
C SER B 361 36.25 -2.16 0.52
N VAL B 362 36.25 -2.89 1.62
CA VAL B 362 35.25 -3.94 1.90
C VAL B 362 34.27 -3.30 2.90
N ARG B 363 32.96 -3.35 2.62
CA ARG B 363 31.92 -2.65 3.34
C ARG B 363 30.84 -3.66 3.84
N GLY B 364 30.31 -3.38 5.02
CA GLY B 364 29.10 -4.08 5.57
C GLY B 364 29.34 -5.10 6.65
N ARG B 365 28.29 -5.84 7.02
CA ARG B 365 28.40 -6.89 8.04
C ARG B 365 27.26 -7.85 7.90
N GLY B 366 27.27 -8.93 8.65
CA GLY B 366 26.18 -9.89 8.59
C GLY B 366 26.00 -10.45 7.20
N LEU B 367 24.82 -10.32 6.59
CA LEU B 367 24.62 -10.80 5.22
C LEU B 367 24.32 -9.62 4.29
N PHE B 368 24.96 -8.46 4.55
CA PHE B 368 24.89 -7.34 3.63
C PHE B 368 26.33 -6.86 3.38
N PHE B 369 26.95 -7.17 2.22
CA PHE B 369 28.33 -6.81 1.95
C PHE B 369 28.46 -6.10 0.67
N GLY B 370 29.49 -5.28 0.55
CA GLY B 370 29.85 -4.69 -0.71
C GLY B 370 31.37 -4.47 -0.86
N ILE B 371 31.82 -4.38 -2.10
CA ILE B 371 33.20 -3.95 -2.40
C ILE B 371 33.22 -2.88 -3.45
N ASP B 372 34.13 -1.88 -3.31
CA ASP B 372 34.29 -0.83 -4.34
C ASP B 372 35.10 -1.36 -5.49
N ILE B 373 34.62 -1.13 -6.69
CA ILE B 373 35.33 -1.54 -7.90
C ILE B 373 35.97 -0.28 -8.48
N ILE B 374 37.30 -0.41 -8.72
CA ILE B 374 38.16 0.74 -9.06
C ILE B 374 39.11 0.40 -10.21
N GLU B 375 39.59 1.45 -10.88
CA GLU B 375 40.64 1.30 -11.89
C GLU B 375 41.90 0.82 -11.19
N SER B 376 42.70 0.02 -11.90
CA SER B 376 43.96 -0.52 -11.35
C SER B 376 45.17 0.27 -11.87
N ASP B 377 44.96 1.51 -12.32
CA ASP B 377 46.02 2.32 -12.95
C ASP B 377 46.77 3.22 -11.95
N GLY B 378 46.50 3.07 -10.66
CA GLY B 378 47.04 3.92 -9.62
C GLY B 378 46.10 5.02 -9.19
N SER B 379 45.14 5.44 -10.04
CA SER B 379 44.17 6.51 -9.67
C SER B 379 43.21 6.12 -8.52
N ARG B 380 42.99 4.83 -8.30
CA ARG B 380 41.85 4.34 -7.51
C ARG B 380 40.47 4.99 -7.89
N ASN B 381 40.29 5.46 -9.13
CA ASN B 381 39.00 6.04 -9.56
C ASN B 381 37.88 4.98 -9.63
N PRO B 382 36.64 5.38 -9.25
CA PRO B 382 35.48 4.48 -9.44
C PRO B 382 35.44 3.92 -10.85
N ALA B 383 35.13 2.62 -10.99
CA ALA B 383 35.03 1.96 -12.28
C ALA B 383 33.65 1.34 -12.56
N PRO B 384 32.69 2.21 -12.89
CA PRO B 384 31.32 1.67 -13.13
C PRO B 384 31.20 0.71 -14.34
N ALA B 385 31.94 0.98 -15.43
CA ALA B 385 31.94 0.00 -16.55
C ALA B 385 32.49 -1.40 -16.17
N LEU B 386 33.52 -1.50 -15.32
CA LEU B 386 34.08 -2.78 -14.88
C LEU B 386 33.07 -3.47 -13.92
N THR B 387 32.37 -2.65 -13.17
CA THR B 387 31.36 -3.19 -12.25
C THR B 387 30.24 -3.86 -13.06
N LYS B 388 29.78 -3.24 -14.13
CA LYS B 388 28.71 -3.81 -14.98
C LYS B 388 29.19 -5.15 -15.63
N ILE B 389 30.47 -5.16 -16.09
CA ILE B 389 31.10 -6.41 -16.58
C ILE B 389 31.05 -7.54 -15.59
N LEU B 390 31.37 -7.23 -14.33
CA LEU B 390 31.37 -8.22 -13.26
C LEU B 390 29.95 -8.78 -12.94
N ILE B 391 28.95 -7.86 -12.97
CA ILE B 391 27.53 -8.30 -12.74
C ILE B 391 27.04 -9.27 -13.84
N GLU B 392 27.33 -8.92 -15.09
CA GLU B 392 26.93 -9.76 -16.23
C GLU B 392 27.72 -11.05 -16.33
N ASP B 393 29.04 -10.99 -16.02
CA ASP B 393 29.82 -12.18 -16.01
C ASP B 393 29.39 -13.19 -14.88
N MET B 394 29.12 -12.64 -13.70
CA MET B 394 28.64 -13.47 -12.59
C MET B 394 27.27 -14.13 -12.95
N ARG B 395 26.36 -13.39 -13.59
CA ARG B 395 25.14 -14.04 -14.13
C ARG B 395 25.46 -15.25 -15.05
N GLU B 396 26.40 -15.04 -16.00
CA GLU B 396 26.82 -16.16 -16.90
C GLU B 396 27.34 -17.37 -16.15
N ARG B 397 28.01 -17.14 -15.03
CA ARG B 397 28.53 -18.11 -14.11
C ARG B 397 27.51 -18.70 -13.15
N GLY B 398 26.26 -18.22 -13.21
CA GLY B 398 25.24 -18.80 -12.34
C GLY B 398 25.04 -18.09 -11.00
N VAL B 399 25.40 -16.81 -10.91
CA VAL B 399 25.25 -16.08 -9.61
C VAL B 399 24.59 -14.74 -9.82
N LEU B 400 23.52 -14.43 -9.07
CA LEU B 400 22.81 -13.13 -9.20
C LEU B 400 23.30 -12.15 -8.15
N ILE B 401 23.94 -11.06 -8.60
CA ILE B 401 24.37 -9.95 -7.77
C ILE B 401 24.00 -8.63 -8.46
N SER B 402 24.29 -7.51 -7.77
CA SER B 402 23.90 -6.19 -8.17
CA SER B 402 23.93 -6.18 -8.23
C SER B 402 24.95 -5.13 -7.77
N ARG B 403 24.60 -3.88 -7.90
CA ARG B 403 25.46 -2.77 -7.46
C ARG B 403 24.61 -1.63 -6.86
N VAL B 404 25.29 -0.78 -6.08
CA VAL B 404 24.72 0.41 -5.45
C VAL B 404 25.72 1.60 -5.51
N GLY B 405 25.24 2.79 -5.11
CA GLY B 405 26.02 3.93 -4.90
C GLY B 405 25.98 4.99 -5.99
N PRO B 406 26.29 6.25 -5.64
CA PRO B 406 26.22 7.35 -6.60
C PRO B 406 27.25 7.23 -7.79
N HIS B 407 28.30 6.46 -7.64
CA HIS B 407 29.23 6.24 -8.77
C HIS B 407 29.03 4.87 -9.40
N ASP B 408 27.98 4.13 -9.01
CA ASP B 408 27.59 2.90 -9.69
C ASP B 408 28.69 1.86 -9.68
N ASN B 409 29.49 1.84 -8.58
CA ASN B 409 30.65 0.92 -8.48
C ASN B 409 30.82 0.12 -7.22
N VAL B 410 29.79 0.08 -6.38
CA VAL B 410 29.84 -0.80 -5.20
C VAL B 410 29.10 -2.13 -5.48
N LEU B 411 29.87 -3.21 -5.65
CA LEU B 411 29.37 -4.55 -6.01
C LEU B 411 28.78 -5.17 -4.75
N LYS B 412 27.48 -5.47 -4.82
CA LYS B 412 26.69 -5.84 -3.66
C LYS B 412 26.41 -7.34 -3.59
N MET B 413 26.47 -7.90 -2.38
CA MET B 413 26.22 -9.29 -2.07
C MET B 413 25.24 -9.31 -0.90
N ARG B 414 23.96 -9.70 -1.10
CA ARG B 414 22.83 -9.52 -0.13
C ARG B 414 21.79 -10.64 -0.39
N PRO B 415 22.08 -11.90 0.02
CA PRO B 415 21.21 -13.03 -0.32
C PRO B 415 20.05 -13.27 0.70
N PRO B 416 19.14 -14.20 0.40
CA PRO B 416 18.16 -14.65 1.41
C PRO B 416 18.85 -15.01 2.70
N LEU B 417 18.23 -14.86 3.84
CA LEU B 417 18.87 -15.16 5.15
C LEU B 417 19.03 -16.63 5.48
N VAL B 418 18.63 -17.51 4.59
CA VAL B 418 18.92 -19.01 4.68
C VAL B 418 20.23 -19.38 3.90
N PHE B 419 20.99 -18.41 3.43
CA PHE B 419 22.31 -18.61 2.76
C PHE B 419 23.34 -18.99 3.82
N GLY B 420 24.00 -20.13 3.55
CA GLY B 420 25.02 -20.73 4.48
C GLY B 420 26.42 -20.72 3.90
N ARG B 421 27.34 -21.37 4.67
CA ARG B 421 28.75 -21.36 4.32
C ARG B 421 29.06 -22.02 2.94
N GLU B 422 28.40 -23.14 2.61
CA GLU B 422 28.57 -23.78 1.27
C GLU B 422 28.22 -22.79 0.14
N HIS B 423 27.13 -22.00 0.36
CA HIS B 423 26.75 -21.00 -0.64
C HIS B 423 27.75 -19.83 -0.78
N ALA B 424 28.28 -19.39 0.38
CA ALA B 424 29.31 -18.30 0.45
C ALA B 424 30.54 -18.71 -0.35
N ASP B 425 30.92 -19.99 -0.21
CA ASP B 425 32.12 -20.47 -0.96
C ASP B 425 31.91 -20.61 -2.44
N ILE B 426 30.69 -20.92 -2.87
CA ILE B 426 30.37 -20.85 -4.30
C ILE B 426 30.46 -19.44 -4.85
N LEU B 427 29.76 -18.49 -4.19
CA LEU B 427 29.73 -17.08 -4.64
C LEU B 427 31.15 -16.47 -4.69
N LEU B 428 31.90 -16.64 -3.59
CA LEU B 428 33.28 -16.07 -3.44
C LEU B 428 34.31 -16.69 -4.46
N GLY B 429 34.16 -17.96 -4.73
CA GLY B 429 35.01 -18.64 -5.76
C GLY B 429 34.74 -18.13 -7.17
N GLN B 430 33.47 -17.97 -7.53
CA GLN B 430 33.14 -17.36 -8.82
C GLN B 430 33.58 -15.93 -8.91
N LEU B 431 33.39 -15.15 -7.83
CA LEU B 431 33.75 -13.73 -7.84
C LEU B 431 35.30 -13.60 -8.12
N GLU B 432 36.07 -14.44 -7.44
CA GLU B 432 37.57 -14.42 -7.66
C GLU B 432 37.91 -14.68 -9.11
N LEU B 433 37.28 -15.68 -9.72
CA LEU B 433 37.50 -16.01 -11.14
C LEU B 433 37.03 -14.89 -12.05
N SER B 434 35.90 -14.23 -11.71
CA SER B 434 35.42 -13.13 -12.45
C SER B 434 36.40 -11.94 -12.42
N LEU B 435 36.87 -11.59 -11.23
CA LEU B 435 37.87 -10.48 -11.07
C LEU B 435 39.20 -10.74 -11.82
N ALA B 436 39.64 -11.98 -11.76
CA ALA B 436 40.85 -12.41 -12.49
C ALA B 436 40.69 -12.27 -13.99
N SER B 437 39.47 -12.33 -14.53
CA SER B 437 39.24 -12.20 -15.97
C SER B 437 39.22 -10.74 -16.48
N LEU B 438 39.26 -9.75 -15.61
CA LEU B 438 39.24 -8.32 -16.07
C LEU B 438 40.61 -7.93 -16.72
N PRO B 439 40.67 -6.79 -17.45
CA PRO B 439 42.00 -6.27 -17.94
C PRO B 439 42.91 -5.64 -16.87
#